data_3HCP
#
_entry.id   3HCP
#
_cell.length_a   87.574
_cell.length_b   93.687
_cell.length_c   109.483
_cell.angle_alpha   90.00
_cell.angle_beta   90.00
_cell.angle_gamma   90.00
#
_symmetry.space_group_name_H-M   'P 21 21 21'
#
loop_
_entity.id
_entity.type
_entity.pdbx_description
1 polymer 'Ferrochelatase, mitochondrial'
2 non-polymer 'FE2/S2 (INORGANIC) CLUSTER'
3 non-polymer 'CHOLIC ACID'
4 non-polymer GLYCEROL
5 non-polymer IMIDAZOLE
6 non-polymer 'FE(III) DEUTEROPORPHYRIN IX'
7 water water
#
_entity_poly.entity_id   1
_entity_poly.type   'polypeptide(L)'
_entity_poly.pdbx_seq_one_letter_code
;RKPKTGILMLNMGGPETLGDVHDFLLRLFLDRDLMTLPIQNKLAPAIAKRRTPKIQEQYRRIGGGSPIKIWTSKQGEGMV
KLLDELSPNTAPHKYYIGFRYVHPLTEEAIEEMERDGLERAIAFTQYPQYSCSTTGSSLNAIYRYYNQVGRKPTMKWSTI
DRWPTHHLLIQCFADHILKELDHFPLEKRSEVVILFSAHSLPMSVVNRGDPYPQEVSATVQKVMERLEYCNPYRLVWQSK
VGPMPWLGPQTDESIKGLCERGRKNILLVPIAFTSDHIETLYELDIEYSQVLAKECGVENIRRAESLNGNPLFSKALADL
VHSHIQSNELCSKQLTLSCPLCVNPVCRETKSFFTSQQL
;
_entity_poly.pdbx_strand_id   A,B
#
# COMPACT_ATOMS: atom_id res chain seq x y z
N ARG A 1 14.82 20.49 -38.15
CA ARG A 1 13.35 20.81 -38.10
C ARG A 1 12.95 21.26 -36.68
N LYS A 2 12.00 22.19 -36.60
CA LYS A 2 11.58 22.76 -35.33
C LYS A 2 10.71 21.75 -34.55
N PRO A 3 10.93 21.64 -33.22
CA PRO A 3 10.23 20.61 -32.44
C PRO A 3 8.70 20.76 -32.46
N LYS A 4 7.98 19.65 -32.52
CA LYS A 4 6.52 19.67 -32.50
C LYS A 4 5.92 19.40 -31.09
N THR A 5 6.52 18.45 -30.35
CA THR A 5 5.98 17.94 -29.08
C THR A 5 7.03 18.09 -27.98
N GLY A 6 6.70 18.80 -26.91
CA GLY A 6 7.62 18.96 -25.80
C GLY A 6 7.22 18.00 -24.69
N ILE A 7 8.23 17.40 -24.06
CA ILE A 7 8.00 16.47 -22.94
C ILE A 7 8.71 17.12 -21.78
N LEU A 8 7.92 17.72 -20.90
CA LEU A 8 8.39 18.35 -19.68
C LEU A 8 8.56 17.29 -18.57
N MET A 9 9.81 16.96 -18.29
CA MET A 9 10.17 15.99 -17.25
C MET A 9 10.27 16.72 -15.90
N LEU A 10 9.34 16.38 -15.00
CA LEU A 10 9.19 17.05 -13.70
C LEU A 10 9.84 16.25 -12.58
N ASN A 11 10.65 16.94 -11.77
CA ASN A 11 11.36 16.29 -10.66
C ASN A 11 11.70 17.44 -9.73
N MET A 12 11.97 17.16 -8.45
CA MET A 12 12.30 18.25 -7.51
C MET A 12 13.69 18.84 -7.87
N GLY A 13 14.55 18.01 -8.44
CA GLY A 13 15.95 18.35 -8.68
C GLY A 13 16.79 18.33 -7.41
N GLY A 14 18.06 18.67 -7.54
CA GLY A 14 18.95 18.77 -6.40
C GLY A 14 20.12 19.69 -6.73
N PRO A 15 20.77 20.25 -5.71
CA PRO A 15 21.83 21.23 -5.97
C PRO A 15 22.99 20.62 -6.73
N GLU A 16 23.32 21.15 -7.90
CA GLU A 16 24.45 20.63 -8.69
C GLU A 16 25.83 20.84 -8.07
N THR A 17 25.99 21.89 -7.27
CA THR A 17 27.24 22.14 -6.56
C THR A 17 26.89 22.61 -5.18
N LEU A 18 27.88 22.71 -4.30
CA LEU A 18 27.66 23.09 -2.90
C LEU A 18 27.07 24.48 -2.75
N GLY A 19 27.46 25.37 -3.67
CA GLY A 19 26.97 26.74 -3.66
C GLY A 19 25.50 26.84 -4.06
N ASP A 20 24.94 25.76 -4.64
CA ASP A 20 23.52 25.74 -5.00
C ASP A 20 22.59 25.33 -3.85
N VAL A 21 23.14 24.83 -2.75
CA VAL A 21 22.36 24.29 -1.62
C VAL A 21 21.41 25.30 -0.99
N HIS A 22 21.92 26.51 -0.73
CA HIS A 22 21.09 27.51 -0.10
C HIS A 22 19.81 27.86 -0.90
N ASP A 23 19.95 28.19 -2.17
CA ASP A 23 18.77 28.55 -2.92
C ASP A 23 17.81 27.38 -3.14
N PHE A 24 18.37 26.18 -3.26
CA PHE A 24 17.55 24.95 -3.33
C PHE A 24 16.60 24.85 -2.11
N LEU A 25 17.18 25.00 -0.91
CA LEU A 25 16.41 24.89 0.34
C LEU A 25 15.45 26.07 0.50
N LEU A 26 15.86 27.27 0.07
CA LEU A 26 14.98 28.43 0.08
C LEU A 26 13.70 28.14 -0.73
N ARG A 27 13.86 27.68 -1.97
CA ARG A 27 12.70 27.37 -2.81
C ARG A 27 11.83 26.26 -2.22
N LEU A 28 12.44 25.26 -1.61
CA LEU A 28 11.72 24.15 -1.01
C LEU A 28 10.90 24.62 0.18
N PHE A 29 11.48 25.41 1.09
CA PHE A 29 10.68 25.91 2.23
C PHE A 29 9.66 27.00 1.89
N LEU A 30 9.84 27.65 0.73
CA LEU A 30 8.82 28.57 0.18
C LEU A 30 7.62 27.87 -0.52
N ASP A 31 7.68 26.56 -0.70
CA ASP A 31 6.70 25.88 -1.56
C ASP A 31 5.43 25.61 -0.75
N ARG A 32 4.37 26.33 -1.07
CA ARG A 32 3.09 26.18 -0.35
C ARG A 32 2.29 24.95 -0.73
N ASP A 33 2.69 24.31 -1.82
CA ASP A 33 2.10 23.05 -2.25
C ASP A 33 2.78 21.89 -1.53
N LEU A 34 3.91 22.16 -0.89
CA LEU A 34 4.67 21.17 -0.16
C LEU A 34 4.32 21.29 1.33
N MET A 35 4.35 22.50 1.86
CA MET A 35 4.06 22.71 3.27
C MET A 35 3.50 24.12 3.50
N THR A 36 2.78 24.26 4.61
CA THR A 36 2.21 25.52 5.02
C THR A 36 2.83 25.97 6.34
N LEU A 37 3.42 27.16 6.32
CA LEU A 37 4.07 27.76 7.48
C LEU A 37 3.50 29.15 7.72
N PRO A 38 3.41 29.57 8.99
CA PRO A 38 3.04 30.96 9.27
C PRO A 38 4.11 31.90 8.70
N ILE A 39 3.71 33.08 8.23
CA ILE A 39 4.62 34.09 7.64
C ILE A 39 5.76 33.39 6.86
N GLN A 40 5.35 32.51 5.94
CA GLN A 40 6.24 31.60 5.24
C GLN A 40 7.35 32.30 4.42
N ASN A 41 7.03 33.44 3.80
CA ASN A 41 8.02 34.23 3.07
C ASN A 41 9.18 34.74 3.96
N LYS A 42 8.89 34.87 5.25
CA LYS A 42 9.87 35.34 6.22
C LYS A 42 10.61 34.19 6.88
N LEU A 43 9.88 33.11 7.18
CA LEU A 43 10.46 31.97 7.87
C LEU A 43 11.33 31.09 6.97
N ALA A 44 10.95 30.95 5.71
CA ALA A 44 11.68 30.06 4.80
C ALA A 44 13.16 30.45 4.66
N PRO A 45 13.48 31.76 4.46
CA PRO A 45 14.90 32.16 4.44
C PRO A 45 15.69 31.81 5.69
N ALA A 46 15.07 31.92 6.87
CA ALA A 46 15.75 31.56 8.11
C ALA A 46 15.98 30.05 8.19
N ILE A 47 14.96 29.27 7.80
CA ILE A 47 15.09 27.80 7.80
C ILE A 47 16.20 27.37 6.81
N ALA A 48 16.15 27.91 5.59
CA ALA A 48 17.16 27.60 4.56
C ALA A 48 18.60 27.87 5.05
N LYS A 49 18.81 29.07 5.61
CA LYS A 49 20.12 29.45 6.14
C LYS A 49 20.62 28.49 7.19
N ARG A 50 19.74 28.11 8.11
CA ARG A 50 20.08 27.26 9.22
C ARG A 50 20.48 25.87 8.72
N ARG A 51 19.72 25.34 7.77
CA ARG A 51 19.95 23.97 7.29
C ARG A 51 21.00 23.83 6.17
N THR A 52 21.43 24.94 5.57
CA THR A 52 22.39 24.89 4.47
C THR A 52 23.69 24.13 4.84
N PRO A 53 24.36 24.50 5.96
CA PRO A 53 25.62 23.78 6.29
C PRO A 53 25.50 22.27 6.40
N LYS A 54 24.47 21.77 7.10
CA LYS A 54 24.25 20.31 7.20
C LYS A 54 24.07 19.63 5.83
N ILE A 55 23.28 20.25 4.96
CA ILE A 55 22.98 19.67 3.67
C ILE A 55 24.20 19.78 2.77
N GLN A 56 24.92 20.91 2.84
CA GLN A 56 26.16 21.05 2.09
C GLN A 56 27.14 19.91 2.44
N GLU A 57 27.20 19.57 3.72
CA GLU A 57 28.14 18.56 4.22
C GLU A 57 27.72 17.21 3.66
N GLN A 58 26.42 16.91 3.64
CA GLN A 58 25.99 15.66 2.99
C GLN A 58 26.43 15.59 1.54
N TYR A 59 26.24 16.65 0.78
CA TYR A 59 26.65 16.67 -0.62
C TYR A 59 28.18 16.55 -0.79
N ARG A 60 28.94 17.16 0.12
CA ARG A 60 30.41 17.03 0.10
C ARG A 60 30.80 15.56 0.26
N ARG A 61 30.11 14.84 1.16
CA ARG A 61 30.37 13.43 1.40
C ARG A 61 30.10 12.53 0.23
N ILE A 62 29.32 12.98 -0.75
CA ILE A 62 29.08 12.17 -1.98
C ILE A 62 29.78 12.70 -3.23
N GLY A 63 30.70 13.66 -3.07
CA GLY A 63 31.45 14.15 -4.21
C GLY A 63 31.12 15.57 -4.62
N GLY A 64 30.22 16.24 -3.88
CA GLY A 64 30.00 17.67 -4.00
C GLY A 64 28.80 18.14 -4.81
N GLY A 65 27.88 17.24 -5.15
CA GLY A 65 26.67 17.70 -5.85
C GLY A 65 25.76 16.57 -6.23
N SER A 66 24.57 16.91 -6.75
CA SER A 66 23.56 15.90 -7.08
C SER A 66 23.72 15.48 -8.55
N PRO A 67 23.65 14.16 -8.84
CA PRO A 67 23.70 13.66 -10.22
C PRO A 67 22.34 13.67 -10.90
N ILE A 68 21.31 14.25 -10.28
CA ILE A 68 19.95 14.18 -10.83
C ILE A 68 19.84 14.74 -12.26
N LYS A 69 20.48 15.88 -12.51
CA LYS A 69 20.39 16.48 -13.83
C LYS A 69 21.07 15.64 -14.93
N ILE A 70 22.23 15.09 -14.60
CA ILE A 70 22.95 14.21 -15.52
C ILE A 70 22.07 13.03 -15.91
N TRP A 71 21.51 12.33 -14.92
CA TRP A 71 20.71 11.15 -15.22
C TRP A 71 19.40 11.55 -15.94
N THR A 72 18.77 12.64 -15.49
CA THR A 72 17.55 13.14 -16.18
C THR A 72 17.81 13.45 -17.69
N SER A 73 18.88 14.19 -17.98
CA SER A 73 19.31 14.47 -19.35
C SER A 73 19.52 13.21 -20.18
N LYS A 74 20.31 12.26 -19.67
CA LYS A 74 20.55 10.99 -20.35
C LYS A 74 19.24 10.25 -20.66
N GLN A 75 18.37 10.17 -19.65
CA GLN A 75 17.07 9.51 -19.80
C GLN A 75 16.20 10.23 -20.83
N GLY A 76 16.20 11.56 -20.77
CA GLY A 76 15.44 12.39 -21.72
C GLY A 76 15.92 12.23 -23.15
N GLU A 77 17.25 12.17 -23.34
CA GLU A 77 17.82 12.02 -24.70
C GLU A 77 17.42 10.70 -25.30
N GLY A 78 17.52 9.64 -24.50
CA GLY A 78 17.17 8.30 -24.98
C GLY A 78 15.69 8.20 -25.29
N MET A 79 14.87 8.78 -24.41
CA MET A 79 13.40 8.82 -24.63
C MET A 79 13.04 9.47 -26.00
N VAL A 80 13.61 10.63 -26.26
CA VAL A 80 13.32 11.43 -27.48
C VAL A 80 13.75 10.67 -28.74
N LYS A 81 14.91 10.03 -28.67
CA LYS A 81 15.44 9.25 -29.80
C LYS A 81 14.46 8.15 -30.17
N LEU A 82 13.92 7.46 -29.15
CA LEU A 82 12.91 6.42 -29.37
C LEU A 82 11.60 6.98 -29.86
N LEU A 83 11.18 8.12 -29.30
CA LEU A 83 9.88 8.70 -29.64
C LEU A 83 9.79 9.18 -31.09
N ASP A 84 10.88 9.73 -31.60
CA ASP A 84 10.94 10.11 -33.01
C ASP A 84 10.65 8.96 -33.99
N GLU A 85 11.04 7.74 -33.63
CA GLU A 85 10.70 6.55 -34.38
C GLU A 85 9.33 5.94 -34.09
N LEU A 86 8.89 6.00 -32.82
CA LEU A 86 7.60 5.40 -32.39
C LEU A 86 6.40 6.21 -32.85
N SER A 87 6.59 7.52 -32.96
CA SER A 87 5.48 8.41 -33.16
C SER A 87 5.84 9.51 -34.18
N PRO A 88 5.99 9.12 -35.46
CA PRO A 88 6.42 10.10 -36.44
C PRO A 88 5.45 11.26 -36.66
N ASN A 89 4.17 11.06 -36.32
CA ASN A 89 3.17 12.11 -36.51
C ASN A 89 3.25 13.22 -35.47
N THR A 90 3.91 12.93 -34.34
CA THR A 90 4.16 13.98 -33.33
C THR A 90 5.62 14.45 -33.26
N ALA A 91 6.45 13.90 -34.13
CA ALA A 91 7.88 14.24 -34.21
C ALA A 91 8.10 15.57 -34.94
N PRO A 92 9.23 16.27 -34.69
CA PRO A 92 10.32 16.00 -33.72
C PRO A 92 9.85 16.20 -32.27
N HIS A 93 10.28 15.29 -31.39
CA HIS A 93 10.06 15.49 -29.95
C HIS A 93 11.25 16.21 -29.33
N LYS A 94 11.00 16.99 -28.28
CA LYS A 94 12.05 17.64 -27.49
C LYS A 94 11.75 17.45 -25.99
N TYR A 95 12.76 17.12 -25.19
CA TYR A 95 12.52 17.03 -23.76
C TYR A 95 12.90 18.34 -23.13
N TYR A 96 12.21 18.72 -22.05
CA TYR A 96 12.59 19.89 -21.27
C TYR A 96 12.65 19.46 -19.80
N ILE A 97 13.66 19.90 -19.08
CA ILE A 97 13.72 19.58 -17.65
C ILE A 97 13.04 20.67 -16.86
N GLY A 98 12.04 20.29 -16.04
CA GLY A 98 11.42 21.26 -15.12
C GLY A 98 11.66 20.85 -13.68
N PHE A 99 12.73 21.38 -13.05
CA PHE A 99 12.99 21.02 -11.69
C PHE A 99 12.19 21.95 -10.80
N ARG A 100 11.72 21.44 -9.67
CA ARG A 100 10.88 22.28 -8.80
C ARG A 100 11.72 23.37 -8.06
N TYR A 101 12.92 23.00 -7.61
CA TYR A 101 13.66 23.86 -6.67
C TYR A 101 15.03 24.37 -7.13
N VAL A 102 15.49 23.97 -8.32
CA VAL A 102 16.79 24.42 -8.87
C VAL A 102 16.62 24.68 -10.36
N HIS A 103 17.59 25.33 -10.99
CA HIS A 103 17.54 25.56 -12.43
C HIS A 103 17.86 24.29 -13.21
N PRO A 104 17.20 24.09 -14.37
CA PRO A 104 16.12 24.90 -14.91
C PRO A 104 14.80 24.65 -14.14
N LEU A 105 14.20 25.74 -13.67
CA LEU A 105 12.97 25.69 -12.90
C LEU A 105 11.78 25.36 -13.79
N THR A 106 10.76 24.72 -13.22
CA THR A 106 9.55 24.41 -13.96
C THR A 106 9.14 25.62 -14.84
N GLU A 107 9.11 26.80 -14.23
CA GLU A 107 8.68 28.05 -14.88
C GLU A 107 9.56 28.44 -16.08
N GLU A 108 10.86 28.25 -15.93
CA GLU A 108 11.82 28.51 -17.02
C GLU A 108 11.60 27.55 -18.18
N ALA A 109 11.31 26.30 -17.85
CA ALA A 109 11.02 25.31 -18.88
C ALA A 109 9.74 25.65 -19.67
N ILE A 110 8.69 26.03 -18.97
CA ILE A 110 7.43 26.38 -19.64
C ILE A 110 7.68 27.58 -20.59
N GLU A 111 8.38 28.57 -20.09
CA GLU A 111 8.74 29.73 -20.90
C GLU A 111 9.46 29.29 -22.17
N GLU A 112 10.41 28.36 -22.03
CA GLU A 112 11.17 27.90 -23.18
C GLU A 112 10.35 27.06 -24.15
N MET A 113 9.45 26.21 -23.62
CA MET A 113 8.51 25.47 -24.47
C MET A 113 7.61 26.42 -25.31
N GLU A 114 7.04 27.43 -24.67
CA GLU A 114 6.22 28.42 -25.39
C GLU A 114 7.04 29.16 -26.49
N ARG A 115 8.25 29.64 -26.18
CA ARG A 115 9.13 30.24 -27.21
C ARG A 115 9.45 29.31 -28.36
N ASP A 116 9.54 28.02 -28.07
CA ASP A 116 9.91 27.02 -29.07
C ASP A 116 8.77 26.73 -30.04
N GLY A 117 7.58 27.25 -29.74
CA GLY A 117 6.43 27.18 -30.64
C GLY A 117 5.86 25.80 -30.87
N LEU A 118 5.87 25.00 -29.80
CA LEU A 118 5.33 23.66 -29.79
C LEU A 118 3.82 23.63 -30.06
N GLU A 119 3.36 22.56 -30.68
CA GLU A 119 1.95 22.25 -30.79
C GLU A 119 1.38 21.55 -29.56
N ARG A 120 2.23 20.79 -28.87
CA ARG A 120 1.79 19.92 -27.77
CA ARG A 120 1.80 19.87 -27.80
C ARG A 120 2.83 19.88 -26.66
N ALA A 121 2.35 19.93 -25.41
CA ALA A 121 3.20 19.87 -24.19
C ALA A 121 2.67 18.79 -23.25
N ILE A 122 3.55 17.86 -22.87
CA ILE A 122 3.18 16.77 -21.95
C ILE A 122 3.98 16.93 -20.65
N ALA A 123 3.27 17.24 -19.57
CA ALA A 123 3.81 17.26 -18.20
C ALA A 123 4.02 15.81 -17.72
N PHE A 124 5.26 15.37 -17.76
CA PHE A 124 5.57 13.96 -17.53
C PHE A 124 6.31 13.88 -16.21
N THR A 125 5.58 13.54 -15.16
CA THR A 125 6.22 13.44 -13.83
C THR A 125 7.25 12.33 -13.81
N GLN A 126 8.41 12.60 -13.23
CA GLN A 126 9.43 11.57 -13.08
C GLN A 126 9.33 10.81 -11.75
N TYR A 127 8.33 11.13 -10.95
CA TYR A 127 7.92 10.26 -9.83
C TYR A 127 6.85 9.24 -10.28
N PRO A 128 7.18 7.93 -10.32
CA PRO A 128 6.17 6.91 -10.74
C PRO A 128 4.92 6.85 -9.84
N GLN A 129 5.09 7.13 -8.55
CA GLN A 129 3.98 7.17 -7.56
C GLN A 129 3.61 8.60 -7.17
N TYR A 130 2.33 8.89 -7.23
CA TYR A 130 1.84 10.28 -7.03
C TYR A 130 1.77 10.64 -5.56
N SER A 131 2.46 11.71 -5.17
CA SER A 131 2.16 12.40 -3.92
C SER A 131 1.77 13.83 -4.27
N CYS A 132 0.88 14.41 -3.48
CA CYS A 132 0.63 15.85 -3.63
C CYS A 132 1.90 16.66 -3.29
N SER A 133 2.80 16.09 -2.51
CA SER A 133 4.01 16.83 -2.13
CA SER A 133 4.02 16.81 -2.14
C SER A 133 5.03 16.88 -3.28
N THR A 134 4.90 15.98 -4.25
CA THR A 134 5.90 15.84 -5.31
C THR A 134 5.26 16.18 -6.65
N THR A 135 4.59 15.20 -7.26
CA THR A 135 3.95 15.44 -8.53
C THR A 135 2.90 16.55 -8.39
N GLY A 136 2.07 16.50 -7.35
CA GLY A 136 1.02 17.52 -7.23
C GLY A 136 1.59 18.94 -7.21
N SER A 137 2.68 19.14 -6.47
CA SER A 137 3.37 20.42 -6.40
C SER A 137 3.92 20.84 -7.75
N SER A 138 4.55 19.93 -8.49
CA SER A 138 5.02 20.23 -9.86
C SER A 138 3.87 20.60 -10.82
N LEU A 139 2.77 19.89 -10.75
CA LEU A 139 1.64 20.19 -11.66
C LEU A 139 0.99 21.52 -11.24
N ASN A 140 0.85 21.74 -9.93
CA ASN A 140 0.38 23.04 -9.42
C ASN A 140 1.25 24.20 -9.90
N ALA A 141 2.58 23.99 -9.97
CA ALA A 141 3.51 25.02 -10.51
C ALA A 141 3.15 25.41 -11.94
N ILE A 142 2.68 24.45 -12.73
CA ILE A 142 2.34 24.72 -14.14
C ILE A 142 1.08 25.59 -14.20
N TYR A 143 0.05 25.22 -13.44
CA TYR A 143 -1.16 26.03 -13.34
C TYR A 143 -0.85 27.46 -12.81
N ARG A 144 -0.13 27.55 -11.69
CA ARG A 144 0.26 28.81 -11.10
C ARG A 144 1.08 29.68 -12.08
N TYR A 145 1.91 29.05 -12.92
CA TYR A 145 2.71 29.81 -13.85
C TYR A 145 1.79 30.61 -14.79
N TYR A 146 0.83 29.96 -15.39
CA TYR A 146 -0.05 30.63 -16.33
C TYR A 146 -0.98 31.62 -15.61
N ASN A 147 -1.46 31.22 -14.43
CA ASN A 147 -2.22 32.14 -13.61
C ASN A 147 -1.45 33.44 -13.31
N GLN A 148 -0.18 33.33 -12.96
CA GLN A 148 0.66 34.49 -12.66
C GLN A 148 1.05 35.36 -13.86
N VAL A 149 1.36 34.76 -15.01
CA VAL A 149 1.67 35.56 -16.20
C VAL A 149 0.41 36.18 -16.81
N GLY A 150 -0.77 35.73 -16.35
CA GLY A 150 -2.04 36.28 -16.80
C GLY A 150 -2.28 36.02 -18.26
N ARG A 151 -1.86 34.84 -18.72
CA ARG A 151 -1.94 34.49 -20.13
C ARG A 151 -2.35 33.02 -20.24
N LYS A 152 -3.12 32.71 -21.27
CA LYS A 152 -3.44 31.33 -21.56
C LYS A 152 -2.24 30.67 -22.24
N PRO A 153 -2.11 29.32 -22.14
CA PRO A 153 -1.10 28.59 -22.90
C PRO A 153 -1.31 28.69 -24.40
N THR A 154 -0.21 28.65 -25.15
CA THR A 154 -0.26 28.66 -26.61
C THR A 154 -0.08 27.27 -27.21
N MET A 155 -0.01 26.26 -26.35
CA MET A 155 0.13 24.86 -26.74
C MET A 155 -0.92 24.03 -26.00
N LYS A 156 -1.29 22.90 -26.57
CA LYS A 156 -2.18 21.97 -25.90
C LYS A 156 -1.38 21.29 -24.76
N TRP A 157 -1.97 21.21 -23.57
CA TRP A 157 -1.35 20.47 -22.47
C TRP A 157 -2.05 19.14 -22.12
N SER A 158 -1.28 18.21 -21.54
CA SER A 158 -1.80 17.01 -20.93
C SER A 158 -0.73 16.53 -19.92
N THR A 159 -1.06 15.54 -19.12
CA THR A 159 -0.10 15.04 -18.12
C THR A 159 -0.14 13.52 -18.00
N ILE A 160 1.07 12.95 -17.84
CA ILE A 160 1.27 11.60 -17.35
C ILE A 160 1.63 11.86 -15.89
N ASP A 161 0.64 11.70 -15.02
CA ASP A 161 0.76 12.18 -13.64
C ASP A 161 1.13 11.08 -12.66
N ARG A 162 1.03 9.83 -13.10
CA ARG A 162 1.54 8.68 -12.34
C ARG A 162 1.70 7.46 -13.23
N TRP A 163 2.53 6.51 -12.76
CA TRP A 163 2.80 5.30 -13.53
C TRP A 163 3.43 4.26 -12.61
N PRO A 164 2.77 3.97 -11.46
CA PRO A 164 3.44 3.15 -10.45
C PRO A 164 3.67 1.70 -10.85
N THR A 165 2.94 1.19 -11.86
CA THR A 165 3.03 -0.23 -12.19
C THR A 165 3.38 -0.48 -13.66
N HIS A 166 3.89 0.56 -14.33
CA HIS A 166 4.27 0.36 -15.72
C HIS A 166 5.18 -0.88 -15.84
N HIS A 167 4.83 -1.78 -16.75
CA HIS A 167 5.51 -3.09 -16.84
C HIS A 167 7.02 -3.00 -17.06
N LEU A 168 7.49 -2.01 -17.81
CA LEU A 168 8.94 -1.86 -18.01
C LEU A 168 9.65 -1.22 -16.81
N LEU A 169 8.97 -0.33 -16.11
CA LEU A 169 9.49 0.10 -14.81
C LEU A 169 9.68 -1.10 -13.85
N ILE A 170 8.66 -1.95 -13.73
CA ILE A 170 8.75 -3.15 -12.90
C ILE A 170 9.92 -4.05 -13.34
N GLN A 171 10.07 -4.24 -14.65
CA GLN A 171 11.14 -5.09 -15.17
C GLN A 171 12.51 -4.51 -14.81
N CYS A 172 12.68 -3.19 -14.91
CA CYS A 172 13.95 -2.58 -14.50
C CYS A 172 14.32 -2.80 -13.04
N PHE A 173 13.35 -2.58 -12.13
CA PHE A 173 13.59 -2.81 -10.71
C PHE A 173 13.94 -4.26 -10.47
N ALA A 174 13.11 -5.17 -11.00
CA ALA A 174 13.36 -6.61 -10.81
C ALA A 174 14.75 -7.00 -11.36
N ASP A 175 15.07 -6.52 -12.56
CA ASP A 175 16.42 -6.73 -13.15
C ASP A 175 17.54 -6.25 -12.22
N HIS A 176 17.41 -5.03 -11.69
CA HIS A 176 18.43 -4.49 -10.79
C HIS A 176 18.54 -5.24 -9.44
N ILE A 177 17.42 -5.73 -8.95
CA ILE A 177 17.39 -6.57 -7.76
C ILE A 177 18.11 -7.90 -7.97
N LEU A 178 17.78 -8.58 -9.07
CA LEU A 178 18.40 -9.87 -9.41
C LEU A 178 19.91 -9.74 -9.58
N LYS A 179 20.33 -8.69 -10.28
CA LYS A 179 21.75 -8.32 -10.45
C LYS A 179 22.46 -8.14 -9.10
N GLU A 180 21.81 -7.46 -8.16
CA GLU A 180 22.41 -7.22 -6.86
C GLU A 180 22.40 -8.50 -5.96
N LEU A 181 21.35 -9.31 -6.04
CA LEU A 181 21.33 -10.59 -5.34
C LEU A 181 22.51 -11.50 -5.75
N ASP A 182 22.88 -11.43 -7.04
CA ASP A 182 24.08 -12.13 -7.59
C ASP A 182 25.40 -11.68 -6.95
N HIS A 183 25.45 -10.47 -6.38
CA HIS A 183 26.64 -10.00 -5.68
C HIS A 183 26.72 -10.42 -4.22
N PHE A 184 25.68 -11.01 -3.65
CA PHE A 184 25.83 -11.55 -2.31
C PHE A 184 26.62 -12.86 -2.40
N PRO A 185 27.28 -13.26 -1.30
CA PRO A 185 27.86 -14.60 -1.28
C PRO A 185 26.78 -15.62 -1.62
N LEU A 186 27.08 -16.54 -2.53
CA LEU A 186 26.09 -17.55 -2.96
C LEU A 186 25.33 -18.20 -1.77
N GLU A 187 26.06 -18.54 -0.70
CA GLU A 187 25.51 -19.25 0.45
C GLU A 187 24.53 -18.41 1.31
N LYS A 188 24.50 -17.10 1.06
CA LYS A 188 23.60 -16.21 1.75
C LYS A 188 22.42 -15.72 0.91
N ARG A 189 22.43 -16.04 -0.38
CA ARG A 189 21.42 -15.46 -1.28
C ARG A 189 19.96 -15.67 -0.81
N SER A 190 19.60 -16.91 -0.45
CA SER A 190 18.21 -17.21 -0.06
C SER A 190 17.88 -16.58 1.28
N GLU A 191 18.90 -16.30 2.07
CA GLU A 191 18.69 -15.68 3.38
C GLU A 191 18.54 -14.14 3.28
N VAL A 192 18.85 -13.55 2.12
CA VAL A 192 18.77 -12.08 1.97
C VAL A 192 17.33 -11.59 2.22
N VAL A 193 17.21 -10.51 2.99
CA VAL A 193 15.93 -9.81 3.18
C VAL A 193 15.93 -8.52 2.32
N ILE A 194 14.88 -8.31 1.53
CA ILE A 194 14.71 -7.11 0.73
C ILE A 194 13.94 -6.03 1.48
N LEU A 195 14.57 -4.88 1.63
CA LEU A 195 13.97 -3.75 2.25
C LEU A 195 13.72 -2.73 1.12
N PHE A 196 12.46 -2.61 0.70
CA PHE A 196 12.05 -1.55 -0.23
C PHE A 196 12.03 -0.25 0.55
N SER A 197 12.70 0.79 0.06
CA SER A 197 12.78 2.01 0.83
C SER A 197 12.26 3.20 -0.01
N ALA A 198 11.26 3.87 0.52
CA ALA A 198 10.65 5.02 -0.19
C ALA A 198 10.69 6.16 0.80
N HIS A 199 10.85 7.38 0.32
CA HIS A 199 10.78 8.55 1.21
C HIS A 199 9.50 8.56 1.99
N SER A 200 9.60 8.81 3.29
CA SER A 200 8.45 8.88 4.19
C SER A 200 7.59 10.12 3.91
N LEU A 201 6.35 10.12 4.42
CA LEU A 201 5.53 11.33 4.43
C LEU A 201 5.14 11.63 5.86
N PRO A 202 4.93 12.91 6.17
CA PRO A 202 4.38 13.18 7.53
C PRO A 202 3.00 12.59 7.64
N MET A 203 2.63 12.18 8.86
CA MET A 203 1.29 11.56 9.04
C MET A 203 0.19 12.56 8.72
N SER A 204 0.47 13.86 8.82
CA SER A 204 -0.55 14.84 8.48
C SER A 204 -0.89 14.77 6.99
N VAL A 205 0.11 14.43 6.18
CA VAL A 205 -0.10 14.34 4.75
C VAL A 205 -0.80 12.99 4.41
N VAL A 206 -0.30 11.91 5.00
CA VAL A 206 -0.91 10.57 4.83
C VAL A 206 -2.43 10.64 5.18
N ASN A 207 -2.73 11.26 6.31
CA ASN A 207 -4.09 11.28 6.87
C ASN A 207 -5.06 12.20 6.16
N ARG A 208 -4.57 13.05 5.24
CA ARG A 208 -5.51 13.83 4.44
C ARG A 208 -5.95 13.09 3.17
N GLY A 209 -5.32 11.95 2.90
CA GLY A 209 -5.69 11.14 1.74
C GLY A 209 -4.63 11.04 0.67
N ASP A 210 -3.36 11.37 1.00
CA ASP A 210 -2.31 11.33 -0.03
C ASP A 210 -2.26 9.93 -0.71
N PRO A 211 -2.27 9.89 -2.06
CA PRO A 211 -2.29 8.60 -2.78
C PRO A 211 -0.99 7.80 -2.72
N TYR A 212 0.09 8.44 -2.34
CA TYR A 212 1.45 7.88 -2.46
C TYR A 212 1.71 6.52 -1.78
N PRO A 213 1.41 6.37 -0.46
CA PRO A 213 1.75 5.08 0.18
C PRO A 213 1.08 3.89 -0.50
N GLN A 214 -0.16 4.04 -0.99
CA GLN A 214 -0.86 2.93 -1.66
C GLN A 214 -0.22 2.64 -3.03
N GLU A 215 0.17 3.68 -3.79
CA GLU A 215 0.83 3.45 -5.09
C GLU A 215 2.24 2.86 -4.94
N VAL A 216 3.00 3.36 -3.98
CA VAL A 216 4.31 2.73 -3.65
C VAL A 216 4.17 1.23 -3.35
N SER A 217 3.18 0.91 -2.51
CA SER A 217 2.89 -0.47 -2.17
C SER A 217 2.57 -1.31 -3.41
N ALA A 218 1.86 -0.70 -4.37
CA ALA A 218 1.51 -1.39 -5.64
C ALA A 218 2.78 -1.70 -6.47
N THR A 219 3.73 -0.76 -6.50
CA THR A 219 5.01 -0.97 -7.22
C THR A 219 5.73 -2.14 -6.57
N VAL A 220 5.84 -2.08 -5.24
CA VAL A 220 6.44 -3.19 -4.47
C VAL A 220 5.84 -4.56 -4.83
N GLN A 221 4.51 -4.68 -4.80
CA GLN A 221 3.89 -5.96 -5.08
C GLN A 221 4.15 -6.50 -6.49
N LYS A 222 4.15 -5.63 -7.50
CA LYS A 222 4.41 -5.99 -8.88
C LYS A 222 5.86 -6.46 -9.06
N VAL A 223 6.83 -5.76 -8.46
CA VAL A 223 8.23 -6.20 -8.46
C VAL A 223 8.38 -7.60 -7.83
N MET A 224 7.81 -7.79 -6.64
CA MET A 224 7.87 -9.08 -5.94
C MET A 224 7.17 -10.21 -6.71
N GLU A 225 6.07 -9.89 -7.36
CA GLU A 225 5.43 -10.84 -8.28
C GLU A 225 6.35 -11.23 -9.43
N ARG A 226 6.99 -10.24 -10.05
CA ARG A 226 7.89 -10.53 -11.15
C ARG A 226 9.09 -11.38 -10.67
N LEU A 227 9.50 -11.17 -9.42
CA LEU A 227 10.62 -11.90 -8.81
C LEU A 227 10.20 -13.27 -8.24
N GLU A 228 8.92 -13.61 -8.42
CA GLU A 228 8.32 -14.84 -7.88
C GLU A 228 8.56 -15.02 -6.38
N TYR A 229 8.50 -13.92 -5.62
CA TYR A 229 8.61 -14.00 -4.18
C TYR A 229 9.85 -14.78 -3.76
N CYS A 230 10.97 -14.54 -4.46
CA CYS A 230 12.19 -15.31 -4.22
C CYS A 230 12.83 -15.05 -2.85
N ASN A 231 12.65 -13.85 -2.31
CA ASN A 231 13.13 -13.46 -0.97
C ASN A 231 12.00 -12.74 -0.26
N PRO A 232 12.01 -12.76 1.09
CA PRO A 232 10.98 -12.02 1.83
C PRO A 232 11.33 -10.52 1.84
N TYR A 233 10.33 -9.68 2.09
CA TYR A 233 10.52 -8.22 2.00
C TYR A 233 9.70 -7.46 3.01
N ARG A 234 10.10 -6.23 3.27
CA ARG A 234 9.17 -5.22 3.78
C ARG A 234 9.35 -3.93 3.02
N LEU A 235 8.26 -3.17 2.99
CA LEU A 235 8.29 -1.80 2.55
C LEU A 235 8.41 -0.87 3.78
N VAL A 236 9.48 -0.07 3.78
CA VAL A 236 9.81 0.83 4.89
C VAL A 236 10.13 2.21 4.32
N TRP A 237 10.22 3.21 5.20
CA TRP A 237 10.09 4.62 4.75
C TRP A 237 11.26 5.42 5.27
N GLN A 238 11.91 6.13 4.38
CA GLN A 238 13.16 6.75 4.79
C GLN A 238 13.13 8.24 5.05
N SER A 239 14.14 8.66 5.82
CA SER A 239 14.49 10.09 6.08
C SER A 239 13.43 11.05 6.57
N LYS A 240 12.58 10.60 7.48
CA LYS A 240 11.70 11.54 8.14
C LYS A 240 12.53 12.73 8.65
N VAL A 241 11.96 13.92 8.56
CA VAL A 241 12.61 15.08 9.18
C VAL A 241 11.82 15.71 10.30
N GLY A 242 12.55 16.12 11.34
CA GLY A 242 11.93 16.82 12.45
C GLY A 242 11.28 15.85 13.44
N PRO A 243 10.62 16.40 14.46
CA PRO A 243 10.10 15.60 15.56
C PRO A 243 8.64 15.15 15.46
N MET A 244 7.92 15.52 14.40
CA MET A 244 6.48 15.20 14.27
C MET A 244 6.28 13.76 13.78
N PRO A 245 5.05 13.20 13.86
CA PRO A 245 4.89 11.83 13.37
C PRO A 245 4.94 11.74 11.84
N TRP A 246 5.76 10.81 11.35
CA TRP A 246 5.81 10.42 9.96
C TRP A 246 5.48 8.94 9.79
N LEU A 247 5.20 8.56 8.54
CA LEU A 247 4.83 7.19 8.25
C LEU A 247 6.04 6.28 8.45
N GLY A 248 5.89 5.26 9.27
CA GLY A 248 6.99 4.30 9.46
C GLY A 248 6.57 2.90 9.05
N PRO A 249 7.41 1.88 9.31
CA PRO A 249 8.66 1.97 10.08
C PRO A 249 9.73 2.72 9.29
N GLN A 250 10.67 3.36 10.00
CA GLN A 250 11.78 4.03 9.34
C GLN A 250 12.79 3.04 8.81
N THR A 251 13.40 3.39 7.69
CA THR A 251 14.41 2.52 7.09
C THR A 251 15.59 2.24 8.08
N ASP A 252 16.11 3.28 8.74
CA ASP A 252 17.22 3.11 9.68
C ASP A 252 16.90 2.17 10.86
N GLU A 253 15.77 2.40 11.52
CA GLU A 253 15.31 1.53 12.60
C GLU A 253 15.10 0.09 12.14
N SER A 254 14.63 -0.08 10.91
CA SER A 254 14.36 -1.42 10.36
C SER A 254 15.65 -2.19 10.13
N ILE A 255 16.65 -1.49 9.60
CA ILE A 255 17.98 -2.09 9.41
C ILE A 255 18.52 -2.58 10.78
N LYS A 256 18.52 -1.69 11.75
CA LYS A 256 18.95 -1.99 13.12
C LYS A 256 18.15 -3.14 13.71
N GLY A 257 16.81 -3.04 13.62
CA GLY A 257 15.91 -4.11 14.06
C GLY A 257 16.17 -5.46 13.42
N LEU A 258 16.34 -5.51 12.11
CA LEU A 258 16.65 -6.76 11.42
C LEU A 258 17.96 -7.40 11.94
N CYS A 259 19.01 -6.59 11.95
CA CYS A 259 20.28 -7.05 12.51
C CYS A 259 20.13 -7.62 13.90
N GLU A 260 19.44 -6.89 14.78
CA GLU A 260 19.26 -7.36 16.16
C GLU A 260 18.49 -8.68 16.25
N ARG A 261 17.67 -8.97 15.25
CA ARG A 261 16.92 -10.21 15.20
C ARG A 261 17.54 -11.28 14.30
N GLY A 262 18.83 -11.15 14.00
CA GLY A 262 19.55 -12.21 13.29
C GLY A 262 19.42 -12.19 11.79
N ARG A 263 18.79 -11.15 11.24
CA ARG A 263 18.69 -11.01 9.79
C ARG A 263 19.79 -10.03 9.36
N LYS A 264 20.93 -10.58 8.96
CA LYS A 264 22.16 -9.79 8.78
C LYS A 264 22.60 -9.65 7.31
N ASN A 265 21.74 -10.12 6.40
CA ASN A 265 21.97 -10.03 4.98
C ASN A 265 20.77 -9.29 4.35
N ILE A 266 21.00 -8.02 4.00
CA ILE A 266 19.95 -7.08 3.64
C ILE A 266 20.20 -6.45 2.29
N LEU A 267 19.18 -6.44 1.44
CA LEU A 267 19.27 -5.71 0.17
C LEU A 267 18.33 -4.52 0.25
N LEU A 268 18.87 -3.33 0.09
CA LEU A 268 18.12 -2.07 0.08
C LEU A 268 17.70 -1.77 -1.35
N VAL A 269 16.43 -1.43 -1.54
CA VAL A 269 15.92 -1.12 -2.89
C VAL A 269 15.18 0.20 -2.84
N PRO A 270 15.77 1.26 -3.39
CA PRO A 270 15.07 2.54 -3.58
C PRO A 270 13.98 2.35 -4.63
N ILE A 271 12.73 2.43 -4.20
CA ILE A 271 11.60 2.00 -5.02
C ILE A 271 10.80 3.19 -5.56
N ALA A 272 11.14 4.41 -5.13
CA ALA A 272 10.28 5.56 -5.44
C ALA A 272 10.98 6.73 -6.13
N PHE A 273 12.20 6.51 -6.61
CA PHE A 273 12.93 7.49 -7.43
C PHE A 273 13.64 6.68 -8.52
N THR A 274 13.88 7.30 -9.67
CA THR A 274 14.38 6.56 -10.82
C THR A 274 15.85 6.87 -11.12
N SER A 275 16.47 7.70 -10.28
CA SER A 275 17.91 7.94 -10.39
C SER A 275 18.56 8.08 -9.02
N ASP A 276 19.90 8.00 -8.98
CA ASP A 276 20.62 8.31 -7.74
C ASP A 276 20.39 9.75 -7.35
N HIS A 277 20.50 10.04 -6.06
CA HIS A 277 20.31 11.40 -5.56
C HIS A 277 20.87 11.33 -4.14
N ILE A 278 20.76 12.41 -3.40
CA ILE A 278 21.44 12.45 -2.08
C ILE A 278 21.01 11.33 -1.10
N GLU A 279 19.76 10.90 -1.16
CA GLU A 279 19.31 9.93 -0.17
C GLU A 279 19.76 8.49 -0.45
N THR A 280 20.16 8.18 -1.70
CA THR A 280 20.75 6.87 -1.98
C THR A 280 22.25 6.95 -1.72
N LEU A 281 22.88 7.97 -2.27
CA LEU A 281 24.35 8.12 -2.24
C LEU A 281 24.91 8.48 -0.87
N TYR A 282 24.16 9.26 -0.09
CA TYR A 282 24.59 9.60 1.27
C TYR A 282 23.84 8.73 2.29
N GLU A 283 22.53 8.94 2.38
CA GLU A 283 21.80 8.27 3.46
C GLU A 283 21.90 6.75 3.39
N LEU A 284 21.57 6.15 2.25
CA LEU A 284 21.59 4.70 2.16
C LEU A 284 23.02 4.19 2.08
N ASP A 285 23.84 4.77 1.21
CA ASP A 285 25.16 4.21 0.95
C ASP A 285 26.18 4.49 2.05
N ILE A 286 26.02 5.60 2.73
CA ILE A 286 27.00 5.98 3.73
C ILE A 286 26.45 5.80 5.15
N GLU A 287 25.41 6.55 5.48
CA GLU A 287 24.87 6.59 6.83
C GLU A 287 24.35 5.21 7.28
N TYR A 288 23.61 4.53 6.42
CA TYR A 288 23.01 3.23 6.82
C TYR A 288 23.89 2.05 6.51
N SER A 289 24.44 2.00 5.31
CA SER A 289 25.25 0.86 4.88
C SER A 289 26.68 0.85 5.44
N GLN A 290 27.25 2.03 5.66
CA GLN A 290 28.61 2.12 6.21
C GLN A 290 28.68 2.21 7.72
N VAL A 291 27.87 3.07 8.31
CA VAL A 291 28.01 3.46 9.71
C VAL A 291 27.08 2.63 10.55
N LEU A 292 25.78 2.74 10.30
CA LEU A 292 24.76 1.97 11.03
C LEU A 292 24.95 0.46 10.91
N ALA A 293 25.12 -0.02 9.69
CA ALA A 293 25.27 -1.46 9.43
C ALA A 293 26.42 -2.07 10.22
N LYS A 294 27.53 -1.34 10.29
CA LYS A 294 28.75 -1.77 10.97
C LYS A 294 28.54 -1.81 12.49
N GLU A 295 27.97 -0.74 13.01
CA GLU A 295 27.57 -0.65 14.39
C GLU A 295 26.65 -1.81 14.82
N CYS A 296 25.74 -2.23 13.94
CA CYS A 296 24.77 -3.32 14.25
C CYS A 296 25.25 -4.75 13.97
N GLY A 297 26.43 -4.90 13.39
CA GLY A 297 26.96 -6.23 13.08
C GLY A 297 26.45 -6.88 11.82
N VAL A 298 26.15 -6.07 10.80
CA VAL A 298 25.64 -6.63 9.56
C VAL A 298 26.71 -7.56 8.94
N GLU A 299 26.28 -8.62 8.25
CA GLU A 299 27.19 -9.47 7.48
C GLU A 299 27.35 -8.94 6.07
N ASN A 300 26.22 -8.74 5.38
CA ASN A 300 26.22 -8.15 4.03
C ASN A 300 25.04 -7.20 3.87
N ILE A 301 25.31 -5.92 3.54
CA ILE A 301 24.26 -4.99 3.13
C ILE A 301 24.63 -4.38 1.77
N ARG A 302 23.71 -4.49 0.83
CA ARG A 302 23.94 -3.97 -0.54
C ARG A 302 22.70 -3.16 -0.93
N ARG A 303 22.85 -2.30 -1.94
CA ARG A 303 21.73 -1.48 -2.44
C ARG A 303 21.63 -1.70 -3.94
N ALA A 304 20.43 -2.00 -4.42
CA ALA A 304 20.18 -2.20 -5.84
C ALA A 304 20.51 -0.88 -6.58
N GLU A 305 21.09 -1.00 -7.77
CA GLU A 305 21.48 0.15 -8.58
C GLU A 305 20.22 0.95 -8.92
N SER A 306 20.30 2.27 -8.84
CA SER A 306 19.19 3.12 -9.33
C SER A 306 19.04 2.95 -10.83
N LEU A 307 17.90 3.34 -11.40
CA LEU A 307 17.60 3.00 -12.78
C LEU A 307 18.52 3.73 -13.74
N ASN A 308 18.80 5.00 -13.45
CA ASN A 308 19.91 5.75 -14.04
C ASN A 308 19.91 5.63 -15.57
N GLY A 309 20.97 5.07 -16.14
CA GLY A 309 21.11 4.96 -17.60
C GLY A 309 20.67 3.65 -18.25
N ASN A 310 20.00 2.77 -17.50
CA ASN A 310 19.47 1.54 -18.06
C ASN A 310 18.65 1.87 -19.34
N PRO A 311 19.02 1.27 -20.50
CA PRO A 311 18.28 1.58 -21.73
C PRO A 311 16.82 1.11 -21.69
N LEU A 312 16.53 0.06 -20.94
CA LEU A 312 15.16 -0.39 -20.79
C LEU A 312 14.33 0.67 -20.09
N PHE A 313 14.95 1.49 -19.25
CA PHE A 313 14.22 2.54 -18.58
C PHE A 313 13.81 3.68 -19.54
N SER A 314 14.73 4.07 -20.43
CA SER A 314 14.42 5.05 -21.48
C SER A 314 13.30 4.54 -22.35
N LYS A 315 13.32 3.24 -22.60
CA LYS A 315 12.24 2.59 -23.32
C LYS A 315 10.90 2.69 -22.59
N ALA A 316 10.91 2.53 -21.26
CA ALA A 316 9.69 2.69 -20.46
C ALA A 316 9.14 4.10 -20.60
N LEU A 317 10.04 5.08 -20.54
CA LEU A 317 9.63 6.47 -20.67
C LEU A 317 8.98 6.73 -22.02
N ALA A 318 9.65 6.28 -23.10
CA ALA A 318 9.09 6.47 -24.44
C ALA A 318 7.76 5.72 -24.64
N ASP A 319 7.65 4.48 -24.15
CA ASP A 319 6.39 3.74 -24.26
CA ASP A 319 6.39 3.70 -24.19
C ASP A 319 5.25 4.41 -23.49
N LEU A 320 5.57 5.01 -22.33
CA LEU A 320 4.56 5.75 -21.57
C LEU A 320 4.06 6.94 -22.36
N VAL A 321 4.98 7.69 -22.96
CA VAL A 321 4.63 8.88 -23.74
C VAL A 321 3.84 8.47 -24.98
N HIS A 322 4.32 7.43 -25.65
CA HIS A 322 3.66 6.92 -26.84
C HIS A 322 2.19 6.49 -26.55
N SER A 323 1.97 5.62 -25.56
CA SER A 323 0.61 5.22 -25.11
C SER A 323 -0.30 6.40 -24.75
N HIS A 324 0.25 7.36 -24.01
CA HIS A 324 -0.44 8.62 -23.61
C HIS A 324 -0.94 9.39 -24.85
N ILE A 325 -0.05 9.52 -25.83
CA ILE A 325 -0.42 10.20 -27.08
C ILE A 325 -1.50 9.42 -27.86
N GLN A 326 -1.34 8.10 -27.98
CA GLN A 326 -2.28 7.26 -28.72
C GLN A 326 -3.67 7.19 -28.05
N SER A 327 -3.68 7.25 -26.72
CA SER A 327 -4.91 7.18 -25.93
C SER A 327 -5.71 8.48 -25.96
N ASN A 328 -5.09 9.59 -26.33
CA ASN A 328 -5.69 10.92 -26.16
C ASN A 328 -6.07 11.34 -24.76
N GLU A 329 -5.52 10.67 -23.75
CA GLU A 329 -5.82 11.01 -22.36
C GLU A 329 -5.22 12.37 -21.98
N LEU A 330 -5.92 13.11 -21.14
CA LEU A 330 -5.39 14.38 -20.67
C LEU A 330 -4.68 14.24 -19.31
N CYS A 331 -5.06 13.22 -18.54
CA CYS A 331 -4.49 12.92 -17.22
C CYS A 331 -5.08 11.57 -16.80
N SER A 332 -4.58 11.01 -15.69
CA SER A 332 -5.17 9.76 -15.18
C SER A 332 -6.54 10.00 -14.59
N LYS A 333 -7.34 8.94 -14.48
CA LYS A 333 -8.60 9.04 -13.75
C LYS A 333 -8.35 9.49 -12.30
N GLN A 334 -7.26 9.00 -11.69
CA GLN A 334 -6.92 9.35 -10.31
C GLN A 334 -6.74 10.82 -10.08
N LEU A 335 -6.20 11.56 -11.06
CA LEU A 335 -6.02 13.00 -10.87
C LEU A 335 -7.38 13.72 -10.70
N THR A 336 -8.47 13.12 -11.18
CA THR A 336 -9.78 13.78 -11.14
C THR A 336 -10.41 13.72 -9.75
N LEU A 337 -9.74 13.04 -8.82
CA LEU A 337 -10.16 12.98 -7.43
C LEU A 337 -9.05 13.56 -6.56
N SER A 338 -9.36 14.71 -5.97
CA SER A 338 -8.49 15.35 -5.01
C SER A 338 -8.57 14.62 -3.68
N CYS A 339 -7.57 14.81 -2.81
CA CYS A 339 -7.56 14.15 -1.50
C CYS A 339 -8.87 14.49 -0.79
N PRO A 340 -9.50 13.49 -0.11
CA PRO A 340 -10.74 13.77 0.66
C PRO A 340 -10.64 14.95 1.66
N LEU A 341 -9.45 15.21 2.18
CA LEU A 341 -9.26 16.31 3.13
C LEU A 341 -8.28 17.38 2.61
N CYS A 342 -8.15 17.49 1.28
CA CYS A 342 -7.35 18.56 0.67
C CYS A 342 -7.87 19.92 1.14
N VAL A 343 -6.95 20.77 1.59
CA VAL A 343 -7.28 22.14 1.98
C VAL A 343 -6.49 23.14 1.10
N ASN A 344 -5.98 22.69 -0.02
CA ASN A 344 -5.24 23.58 -0.93
C ASN A 344 -6.14 23.91 -2.14
N PRO A 345 -6.62 25.16 -2.25
CA PRO A 345 -7.49 25.54 -3.37
C PRO A 345 -6.91 25.40 -4.76
N VAL A 346 -5.58 25.47 -4.88
CA VAL A 346 -4.92 25.28 -6.16
C VAL A 346 -5.04 23.84 -6.75
N CYS A 347 -5.15 22.81 -5.92
CA CYS A 347 -5.23 21.43 -6.45
C CYS A 347 -6.40 21.22 -7.42
N ARG A 348 -7.57 21.75 -7.04
CA ARG A 348 -8.75 21.67 -7.92
C ARG A 348 -8.58 22.45 -9.21
N GLU A 349 -7.95 23.62 -9.13
CA GLU A 349 -7.68 24.43 -10.33
C GLU A 349 -6.73 23.72 -11.28
N THR A 350 -5.71 23.07 -10.72
CA THR A 350 -4.74 22.37 -11.54
C THR A 350 -5.41 21.18 -12.23
N LYS A 351 -6.22 20.45 -11.48
CA LYS A 351 -6.93 19.30 -12.01
C LYS A 351 -7.79 19.75 -13.19
N SER A 352 -8.54 20.84 -13.01
CA SER A 352 -9.38 21.41 -14.09
C SER A 352 -8.61 21.94 -15.28
N PHE A 353 -7.44 22.50 -15.01
CA PHE A 353 -6.52 22.94 -16.06
C PHE A 353 -6.26 21.79 -17.01
N PHE A 354 -5.98 20.59 -16.48
CA PHE A 354 -5.71 19.44 -17.36
C PHE A 354 -6.97 18.82 -17.96
N THR A 355 -8.01 18.59 -17.18
CA THR A 355 -9.19 17.88 -17.70
C THR A 355 -9.93 18.74 -18.74
N SER A 356 -9.71 20.06 -18.72
CA SER A 356 -10.46 21.00 -19.54
C SER A 356 -9.76 21.33 -20.84
N GLN A 357 -8.58 20.75 -21.08
CA GLN A 357 -7.77 21.07 -22.27
C GLN A 357 -8.49 20.77 -23.58
N GLN A 358 -8.35 21.69 -24.52
CA GLN A 358 -8.85 21.43 -25.87
C GLN A 358 -8.19 20.16 -26.41
N LEU A 359 -9.03 19.23 -26.89
CA LEU A 359 -8.71 17.89 -27.45
C LEU A 359 -8.92 16.64 -26.54
N ARG B 1 -16.62 -42.39 4.43
CA ARG B 1 -15.12 -42.40 4.49
C ARG B 1 -14.60 -41.30 5.42
N LYS B 2 -13.72 -41.65 6.36
CA LYS B 2 -13.27 -40.67 7.34
C LYS B 2 -12.34 -39.62 6.68
N PRO B 3 -12.43 -38.36 7.15
CA PRO B 3 -11.68 -37.27 6.47
C PRO B 3 -10.17 -37.47 6.47
N LYS B 4 -9.53 -37.11 5.36
CA LYS B 4 -8.08 -37.20 5.24
C LYS B 4 -7.35 -35.84 5.43
N THR B 5 -7.91 -34.77 4.84
CA THR B 5 -7.30 -33.42 4.89
C THR B 5 -8.21 -32.42 5.57
N GLY B 6 -7.73 -31.81 6.65
CA GLY B 6 -8.55 -30.83 7.35
C GLY B 6 -8.12 -29.42 6.97
N ILE B 7 -9.10 -28.54 6.78
CA ILE B 7 -8.78 -27.15 6.41
C ILE B 7 -9.34 -26.30 7.55
N LEU B 8 -8.44 -25.76 8.34
CA LEU B 8 -8.81 -24.93 9.48
C LEU B 8 -8.95 -23.49 9.00
N MET B 9 -10.18 -22.99 8.99
CA MET B 9 -10.50 -21.62 8.51
C MET B 9 -10.41 -20.69 9.69
N LEU B 10 -9.45 -19.77 9.64
CA LEU B 10 -9.14 -18.94 10.80
C LEU B 10 -9.69 -17.54 10.61
N ASN B 11 -10.36 -17.04 11.64
CA ASN B 11 -10.91 -15.69 11.57
C ASN B 11 -11.08 -15.28 13.01
N MET B 12 -11.27 -13.98 13.30
CA MET B 12 -11.44 -13.56 14.71
C MET B 12 -12.80 -14.05 15.27
N GLY B 13 -13.77 -14.20 14.38
CA GLY B 13 -15.15 -14.46 14.76
C GLY B 13 -15.86 -13.21 15.28
N GLY B 14 -17.13 -13.37 15.65
CA GLY B 14 -17.93 -12.29 16.26
C GLY B 14 -19.03 -12.95 17.06
N PRO B 15 -19.57 -12.23 18.06
CA PRO B 15 -20.60 -12.87 18.92
C PRO B 15 -21.87 -13.22 18.12
N GLU B 16 -22.29 -14.48 18.17
CA GLU B 16 -23.49 -14.92 17.46
C GLU B 16 -24.81 -14.35 18.00
N THR B 17 -24.85 -14.06 19.29
CA THR B 17 -26.03 -13.49 19.93
C THR B 17 -25.52 -12.43 20.87
N LEU B 18 -26.41 -11.58 21.38
CA LEU B 18 -26.02 -10.52 22.31
C LEU B 18 -25.38 -11.08 23.57
N GLY B 19 -25.75 -12.31 23.93
CA GLY B 19 -25.23 -12.89 25.16
C GLY B 19 -23.78 -13.30 25.02
N ASP B 20 -23.31 -13.43 23.77
CA ASP B 20 -21.93 -13.84 23.47
C ASP B 20 -20.93 -12.67 23.52
N VAL B 21 -21.44 -11.45 23.61
CA VAL B 21 -20.61 -10.24 23.52
C VAL B 21 -19.56 -10.16 24.63
N HIS B 22 -19.97 -10.34 25.89
CA HIS B 22 -19.05 -10.25 27.01
C HIS B 22 -17.81 -11.15 26.89
N ASP B 23 -18.01 -12.43 26.62
CA ASP B 23 -16.92 -13.37 26.55
C ASP B 23 -16.02 -13.13 25.34
N PHE B 24 -16.62 -12.67 24.24
CA PHE B 24 -15.88 -12.25 23.02
C PHE B 24 -14.86 -11.15 23.37
N LEU B 25 -15.37 -10.09 24.00
CA LEU B 25 -14.54 -8.96 24.45
C LEU B 25 -13.51 -9.41 25.49
N LEU B 26 -13.90 -10.29 26.42
CA LEU B 26 -12.97 -10.80 27.43
C LEU B 26 -11.74 -11.49 26.77
N ARG B 27 -11.98 -12.43 25.86
CA ARG B 27 -10.91 -13.13 25.15
C ARG B 27 -10.05 -12.15 24.30
N LEU B 28 -10.68 -11.12 23.75
CA LEU B 28 -10.02 -10.17 22.89
C LEU B 28 -9.02 -9.34 23.72
N PHE B 29 -9.48 -8.86 24.87
CA PHE B 29 -8.64 -8.04 25.74
C PHE B 29 -7.56 -8.85 26.50
N LEU B 30 -7.76 -10.17 26.58
CA LEU B 30 -6.74 -11.08 27.11
C LEU B 30 -5.65 -11.49 26.12
N ASP B 31 -5.82 -11.16 24.83
CA ASP B 31 -4.97 -11.66 23.77
C ASP B 31 -3.68 -10.85 23.76
N ARG B 32 -2.59 -11.46 24.23
CA ARG B 32 -1.27 -10.80 24.23
C ARG B 32 -0.61 -10.65 22.83
N ASP B 33 -1.06 -11.40 21.83
CA ASP B 33 -0.61 -11.21 20.44
C ASP B 33 -1.29 -10.00 19.76
N LEU B 34 -2.32 -9.47 20.41
CA LEU B 34 -3.06 -8.33 19.91
C LEU B 34 -2.63 -7.08 20.64
N MET B 35 -2.60 -7.12 21.97
CA MET B 35 -2.18 -5.99 22.79
C MET B 35 -1.65 -6.46 24.16
N THR B 36 -0.79 -5.64 24.78
CA THR B 36 -0.35 -5.85 26.16
C THR B 36 -0.80 -4.73 27.07
N LEU B 37 -1.24 -5.10 28.28
CA LEU B 37 -1.72 -4.17 29.29
C LEU B 37 -1.04 -4.53 30.60
N PRO B 38 -0.92 -3.57 31.56
CA PRO B 38 -0.57 -3.89 32.94
C PRO B 38 -1.66 -4.74 33.61
N ILE B 39 -1.30 -5.54 34.62
CA ILE B 39 -2.20 -6.51 35.29
C ILE B 39 -3.34 -7.03 34.39
N GLN B 40 -2.96 -7.52 33.21
CA GLN B 40 -3.88 -7.83 32.12
C GLN B 40 -4.99 -8.83 32.47
N ASN B 41 -4.67 -9.81 33.30
CA ASN B 41 -5.66 -10.76 33.80
C ASN B 41 -6.74 -10.09 34.65
N LYS B 42 -6.41 -8.92 35.20
CA LYS B 42 -7.34 -8.13 36.02
C LYS B 42 -8.08 -7.06 35.22
N LEU B 43 -7.35 -6.38 34.33
CA LEU B 43 -7.90 -5.28 33.53
C LEU B 43 -8.74 -5.70 32.30
N ALA B 44 -8.44 -6.87 31.72
CA ALA B 44 -9.24 -7.39 30.59
C ALA B 44 -10.73 -7.57 30.96
N PRO B 45 -11.04 -8.31 32.04
CA PRO B 45 -12.44 -8.48 32.40
C PRO B 45 -13.16 -7.16 32.73
N ALA B 46 -12.40 -6.15 33.12
CA ALA B 46 -12.94 -4.83 33.46
C ALA B 46 -13.30 -4.06 32.20
N ILE B 47 -12.42 -4.10 31.22
CA ILE B 47 -12.68 -3.42 29.94
C ILE B 47 -13.86 -4.14 29.27
N ALA B 48 -13.85 -5.48 29.33
CA ALA B 48 -14.93 -6.33 28.78
C ALA B 48 -16.31 -5.94 29.35
N LYS B 49 -16.41 -5.95 30.67
CA LYS B 49 -17.67 -5.61 31.36
C LYS B 49 -18.14 -4.20 31.02
N ARG B 50 -17.19 -3.26 30.93
CA ARG B 50 -17.46 -1.88 30.60
C ARG B 50 -17.96 -1.70 29.19
N ARG B 51 -17.34 -2.39 28.23
CA ARG B 51 -17.63 -2.18 26.82
C ARG B 51 -18.76 -3.06 26.25
N THR B 52 -19.21 -4.02 27.03
CA THR B 52 -20.26 -4.94 26.60
C THR B 52 -21.56 -4.23 26.19
N PRO B 53 -22.11 -3.34 27.05
CA PRO B 53 -23.34 -2.61 26.64
C PRO B 53 -23.23 -1.89 25.30
N LYS B 54 -22.15 -1.15 25.07
CA LYS B 54 -21.98 -0.45 23.80
C LYS B 54 -21.92 -1.42 22.60
N ILE B 55 -21.24 -2.54 22.78
CA ILE B 55 -21.05 -3.45 21.65
C ILE B 55 -22.33 -4.24 21.44
N GLN B 56 -23.02 -4.57 22.54
CA GLN B 56 -24.28 -5.29 22.44
C GLN B 56 -25.29 -4.46 21.63
N GLU B 57 -25.25 -3.14 21.85
CA GLU B 57 -26.16 -2.20 21.20
C GLU B 57 -25.85 -2.12 19.72
N GLN B 58 -24.59 -2.09 19.35
CA GLN B 58 -24.24 -2.21 17.91
C GLN B 58 -24.80 -3.48 17.26
N TYR B 59 -24.58 -4.64 17.89
CA TYR B 59 -25.17 -5.90 17.37
C TYR B 59 -26.68 -5.88 17.33
N ARG B 60 -27.30 -5.24 18.32
CA ARG B 60 -28.75 -5.13 18.35
C ARG B 60 -29.22 -4.37 17.11
N ARG B 61 -28.51 -3.30 16.77
CA ARG B 61 -28.83 -2.48 15.61
C ARG B 61 -28.73 -3.22 14.27
N ILE B 62 -28.02 -4.34 14.21
CA ILE B 62 -27.93 -5.10 12.95
C ILE B 62 -28.73 -6.41 12.97
N GLY B 63 -29.63 -6.59 13.93
CA GLY B 63 -30.41 -7.83 13.96
C GLY B 63 -30.09 -8.82 15.09
N GLY B 64 -29.08 -8.50 15.92
CA GLY B 64 -28.82 -9.24 17.16
C GLY B 64 -27.63 -10.19 17.20
N GLY B 65 -26.77 -10.14 16.20
CA GLY B 65 -25.53 -10.93 16.23
C GLY B 65 -24.78 -10.90 14.92
N SER B 66 -23.62 -11.54 14.91
CA SER B 66 -22.71 -11.53 13.75
C SER B 66 -23.06 -12.69 12.81
N PRO B 67 -23.13 -12.44 11.48
CA PRO B 67 -23.37 -13.49 10.48
C PRO B 67 -22.08 -14.20 10.07
N ILE B 68 -20.97 -13.89 10.73
CA ILE B 68 -19.67 -14.47 10.37
C ILE B 68 -19.67 -16.01 10.29
N LYS B 69 -20.24 -16.66 11.30
CA LYS B 69 -20.22 -18.13 11.32
C LYS B 69 -21.06 -18.77 10.18
N ILE B 70 -22.23 -18.19 9.91
CA ILE B 70 -23.08 -18.59 8.79
C ILE B 70 -22.32 -18.53 7.46
N TRP B 71 -21.75 -17.36 7.17
CA TRP B 71 -21.02 -17.16 5.93
C TRP B 71 -19.79 -18.07 5.81
N THR B 72 -19.02 -18.19 6.88
CA THR B 72 -17.84 -19.08 6.94
C THR B 72 -18.22 -20.56 6.65
N SER B 73 -19.30 -21.03 7.28
CA SER B 73 -19.84 -22.37 7.06
C SER B 73 -20.22 -22.60 5.60
N LYS B 74 -21.00 -21.68 5.03
CA LYS B 74 -21.42 -21.75 3.64
C LYS B 74 -20.18 -21.81 2.72
N GLN B 75 -19.21 -20.92 2.96
CA GLN B 75 -17.97 -20.89 2.16
C GLN B 75 -17.18 -22.21 2.32
N GLY B 76 -17.03 -22.66 3.57
CA GLY B 76 -16.32 -23.91 3.87
C GLY B 76 -16.96 -25.12 3.20
N GLU B 77 -18.29 -25.18 3.23
CA GLU B 77 -19.02 -26.28 2.57
C GLU B 77 -18.75 -26.31 1.07
N GLY B 78 -18.82 -25.13 0.45
CA GLY B 78 -18.63 -25.00 -0.98
C GLY B 78 -17.20 -25.32 -1.35
N MET B 79 -16.25 -24.85 -0.53
CA MET B 79 -14.83 -25.15 -0.73
C MET B 79 -14.58 -26.68 -0.77
N VAL B 80 -15.04 -27.39 0.27
CA VAL B 80 -14.83 -28.85 0.44
C VAL B 80 -15.41 -29.66 -0.73
N LYS B 81 -16.60 -29.28 -1.17
CA LYS B 81 -17.29 -29.96 -2.28
C LYS B 81 -16.41 -29.88 -3.51
N LEU B 82 -15.88 -28.68 -3.77
CA LEU B 82 -14.95 -28.51 -4.89
C LEU B 82 -13.64 -29.24 -4.68
N LEU B 83 -13.10 -29.19 -3.46
CA LEU B 83 -11.81 -29.84 -3.19
C LEU B 83 -11.82 -31.37 -3.41
N ASP B 84 -12.92 -32.01 -3.03
CA ASP B 84 -13.08 -33.47 -3.24
C ASP B 84 -12.95 -33.85 -4.73
N GLU B 85 -13.35 -32.94 -5.60
CA GLU B 85 -13.29 -33.17 -7.04
C GLU B 85 -11.94 -32.73 -7.63
N LEU B 86 -11.43 -31.58 -7.17
CA LEU B 86 -10.11 -31.08 -7.64
C LEU B 86 -8.97 -32.02 -7.23
N SER B 87 -9.05 -32.58 -6.04
CA SER B 87 -7.91 -33.26 -5.46
C SER B 87 -8.32 -34.62 -4.86
N PRO B 88 -8.72 -35.60 -5.70
CA PRO B 88 -9.20 -36.89 -5.17
C PRO B 88 -8.20 -37.60 -4.27
N ASN B 89 -6.91 -37.36 -4.50
CA ASN B 89 -5.84 -38.01 -3.72
C ASN B 89 -5.66 -37.49 -2.31
N THR B 90 -6.27 -36.34 -1.98
CA THR B 90 -6.23 -35.82 -0.60
C THR B 90 -7.62 -35.81 0.04
N ALA B 91 -8.60 -36.29 -0.71
CA ALA B 91 -9.99 -36.43 -0.25
C ALA B 91 -10.13 -37.63 0.71
N PRO B 92 -11.16 -37.61 1.59
CA PRO B 92 -12.14 -36.55 1.83
C PRO B 92 -11.56 -35.35 2.55
N HIS B 93 -11.94 -34.17 2.11
CA HIS B 93 -11.52 -32.96 2.83
C HIS B 93 -12.61 -32.58 3.80
N LYS B 94 -12.23 -31.95 4.91
CA LYS B 94 -13.20 -31.44 5.88
C LYS B 94 -12.75 -30.05 6.35
N TYR B 95 -13.68 -29.12 6.51
CA TYR B 95 -13.31 -27.80 7.00
C TYR B 95 -13.64 -27.73 8.48
N TYR B 96 -12.82 -26.98 9.20
CA TYR B 96 -13.04 -26.72 10.62
C TYR B 96 -12.98 -25.21 10.79
N ILE B 97 -13.85 -24.67 11.62
CA ILE B 97 -13.79 -23.23 11.91
C ILE B 97 -12.95 -23.01 13.16
N GLY B 98 -11.95 -22.14 13.06
CA GLY B 98 -11.17 -21.78 14.25
C GLY B 98 -11.27 -20.28 14.47
N PHE B 99 -12.25 -19.84 15.26
CA PHE B 99 -12.39 -18.43 15.60
C PHE B 99 -11.44 -18.09 16.74
N ARG B 100 -10.83 -16.91 16.68
CA ARG B 100 -9.91 -16.52 17.73
C ARG B 100 -10.62 -16.25 19.07
N TYR B 101 -11.78 -15.59 19.04
CA TYR B 101 -12.38 -15.07 20.29
C TYR B 101 -13.76 -15.58 20.69
N VAL B 102 -14.36 -16.45 19.87
CA VAL B 102 -15.67 -17.04 20.17
C VAL B 102 -15.61 -18.52 19.80
N HIS B 103 -16.61 -19.29 20.25
CA HIS B 103 -16.71 -20.70 19.86
C HIS B 103 -17.18 -20.83 18.43
N PRO B 104 -16.65 -21.83 17.71
CA PRO B 104 -15.59 -22.74 18.12
C PRO B 104 -14.21 -22.05 18.07
N LEU B 105 -13.49 -22.13 19.20
CA LEU B 105 -12.20 -21.46 19.35
C LEU B 105 -11.11 -22.22 18.56
N THR B 106 -10.04 -21.53 18.17
CA THR B 106 -8.95 -22.19 17.45
C THR B 106 -8.55 -23.53 18.12
N GLU B 107 -8.42 -23.48 19.45
CA GLU B 107 -7.98 -24.60 20.30
C GLU B 107 -8.98 -25.76 20.26
N GLU B 108 -10.27 -25.46 20.18
CA GLU B 108 -11.34 -26.49 20.07
C GLU B 108 -11.28 -27.17 18.72
N ALA B 109 -11.03 -26.37 17.69
CA ALA B 109 -10.88 -26.88 16.35
C ALA B 109 -9.67 -27.81 16.25
N ILE B 110 -8.53 -27.41 16.82
CA ILE B 110 -7.35 -28.26 16.71
C ILE B 110 -7.65 -29.60 17.39
N GLU B 111 -8.28 -29.53 18.56
CA GLU B 111 -8.63 -30.74 19.32
C GLU B 111 -9.47 -31.68 18.47
N GLU B 112 -10.48 -31.13 17.79
CA GLU B 112 -11.35 -31.93 16.95
C GLU B 112 -10.64 -32.51 15.73
N MET B 113 -9.83 -31.69 15.06
CA MET B 113 -8.97 -32.20 13.99
C MET B 113 -8.06 -33.39 14.46
N GLU B 114 -7.40 -33.23 15.59
CA GLU B 114 -6.54 -34.28 16.12
C GLU B 114 -7.35 -35.55 16.47
N ARG B 115 -8.51 -35.40 17.11
CA ARG B 115 -9.45 -36.52 17.33
C ARG B 115 -9.94 -37.19 16.04
N ASP B 116 -10.12 -36.39 14.97
CA ASP B 116 -10.60 -36.91 13.70
C ASP B 116 -9.57 -37.76 12.97
N GLY B 117 -8.33 -37.74 13.45
CA GLY B 117 -7.27 -38.57 12.88
C GLY B 117 -6.85 -38.23 11.46
N LEU B 118 -6.82 -36.93 11.15
CA LEU B 118 -6.38 -36.42 9.87
C LEU B 118 -4.92 -36.74 9.58
N GLU B 119 -4.61 -36.94 8.29
CA GLU B 119 -3.25 -37.01 7.81
C GLU B 119 -2.58 -35.62 7.69
N ARG B 120 -3.39 -34.64 7.28
CA ARG B 120 -2.90 -33.30 6.99
C ARG B 120 -3.86 -32.23 7.54
N ALA B 121 -3.29 -31.14 8.07
CA ALA B 121 -4.03 -29.98 8.55
C ALA B 121 -3.48 -28.71 7.88
N ILE B 122 -4.36 -27.92 7.27
CA ILE B 122 -3.93 -26.64 6.65
C ILE B 122 -4.57 -25.47 7.41
N ALA B 123 -3.72 -24.63 8.01
CA ALA B 123 -4.11 -23.36 8.67
C ALA B 123 -4.38 -22.32 7.59
N PHE B 124 -5.65 -22.13 7.25
CA PHE B 124 -6.04 -21.32 6.10
C PHE B 124 -6.64 -20.04 6.62
N THR B 125 -5.83 -18.99 6.71
CA THR B 125 -6.36 -17.72 7.22
C THR B 125 -7.45 -17.19 6.28
N GLN B 126 -8.51 -16.65 6.87
CA GLN B 126 -9.57 -16.05 6.12
C GLN B 126 -9.37 -14.53 5.89
N TYR B 127 -8.26 -14.00 6.40
CA TYR B 127 -7.83 -12.62 6.03
C TYR B 127 -6.90 -12.66 4.83
N PRO B 128 -7.33 -12.12 3.66
CA PRO B 128 -6.42 -12.19 2.48
C PRO B 128 -5.10 -11.43 2.70
N GLN B 129 -5.15 -10.38 3.51
CA GLN B 129 -3.97 -9.56 3.86
C GLN B 129 -3.48 -9.78 5.28
N TYR B 130 -2.17 -10.01 5.40
CA TYR B 130 -1.61 -10.46 6.68
C TYR B 130 -1.37 -9.29 7.59
N SER B 131 -1.93 -9.37 8.78
CA SER B 131 -1.48 -8.52 9.88
C SER B 131 -1.03 -9.41 11.02
N CYS B 132 -0.06 -8.95 11.77
CA CYS B 132 0.29 -9.68 13.00
C CYS B 132 -0.85 -9.72 14.04
N SER B 133 -1.76 -8.76 13.96
CA SER B 133 -2.88 -8.64 14.89
CA SER B 133 -2.87 -8.66 14.90
C SER B 133 -4.01 -9.62 14.53
N THR B 134 -4.01 -10.11 13.29
CA THR B 134 -5.09 -10.99 12.79
C THR B 134 -4.56 -12.39 12.50
N THR B 135 -4.06 -12.61 11.29
CA THR B 135 -3.49 -13.91 10.91
C THR B 135 -2.35 -14.28 11.88
N GLY B 136 -1.46 -13.35 12.20
CA GLY B 136 -0.36 -13.67 13.11
C GLY B 136 -0.86 -14.24 14.45
N SER B 137 -1.87 -13.60 15.05
CA SER B 137 -2.44 -14.04 16.31
C SER B 137 -3.06 -15.42 16.19
N SER B 138 -3.80 -15.68 15.10
CA SER B 138 -4.40 -17.00 14.89
C SER B 138 -3.33 -18.11 14.74
N LEU B 139 -2.27 -17.82 13.99
CA LEU B 139 -1.18 -18.79 13.83
C LEU B 139 -0.42 -19.00 15.15
N ASN B 140 -0.16 -17.92 15.90
CA ASN B 140 0.42 -18.00 17.25
C ASN B 140 -0.40 -18.90 18.19
N ALA B 141 -1.73 -18.83 18.07
CA ALA B 141 -2.65 -19.70 18.85
C ALA B 141 -2.42 -21.18 18.56
N ILE B 142 -2.12 -21.52 17.31
CA ILE B 142 -1.86 -22.91 16.92
C ILE B 142 -0.55 -23.40 17.55
N TYR B 143 0.53 -22.64 17.37
CA TYR B 143 1.80 -22.91 18.10
C TYR B 143 1.61 -23.04 19.62
N ARG B 144 0.97 -22.05 20.24
CA ARG B 144 0.76 -22.04 21.68
C ARG B 144 -0.10 -23.23 22.15
N TYR B 145 -1.04 -23.67 21.31
CA TYR B 145 -1.88 -24.81 21.69
C TYR B 145 -1.01 -26.04 21.94
N TYR B 146 -0.17 -26.40 20.97
CA TYR B 146 0.70 -27.55 21.10
C TYR B 146 1.74 -27.38 22.21
N ASN B 147 2.33 -26.19 22.30
CA ASN B 147 3.26 -25.84 23.37
C ASN B 147 2.66 -25.97 24.78
N GLN B 148 1.43 -25.51 24.97
CA GLN B 148 0.80 -25.59 26.28
C GLN B 148 0.26 -26.99 26.57
N VAL B 149 -0.18 -27.72 25.53
CA VAL B 149 -0.69 -29.07 25.75
C VAL B 149 0.47 -30.04 26.02
N GLY B 150 1.67 -29.66 25.58
CA GLY B 150 2.89 -30.44 25.79
C GLY B 150 2.99 -31.69 24.94
N ARG B 151 2.44 -31.62 23.73
CA ARG B 151 2.51 -32.74 22.80
C ARG B 151 2.76 -32.21 21.41
N LYS B 152 3.48 -32.98 20.61
CA LYS B 152 3.67 -32.64 19.20
CA LYS B 152 3.67 -32.63 19.22
C LYS B 152 2.39 -33.01 18.44
N PRO B 153 2.15 -32.34 17.28
CA PRO B 153 0.97 -32.69 16.48
C PRO B 153 1.01 -34.14 15.98
N THR B 154 -0.15 -34.69 15.66
CA THR B 154 -0.25 -36.04 15.14
C THR B 154 -0.53 -35.99 13.64
N MET B 155 -0.61 -34.75 13.12
CA MET B 155 -0.86 -34.50 11.72
C MET B 155 0.19 -33.54 11.15
N LYS B 156 0.39 -33.61 9.87
CA LYS B 156 1.27 -32.69 9.13
CA LYS B 156 1.29 -32.67 9.19
C LYS B 156 0.59 -31.32 9.02
N TRP B 157 1.25 -30.25 9.46
CA TRP B 157 0.70 -28.88 9.35
C TRP B 157 1.39 -28.07 8.24
N SER B 158 0.64 -27.13 7.66
CA SER B 158 1.13 -26.12 6.77
C SER B 158 0.14 -24.93 6.84
N THR B 159 0.52 -23.79 6.26
CA THR B 159 -0.39 -22.63 6.32
C THR B 159 -0.44 -21.91 4.98
N ILE B 160 -1.65 -21.45 4.64
CA ILE B 160 -1.87 -20.42 3.65
C ILE B 160 -2.10 -19.19 4.52
N ASP B 161 -1.05 -18.39 4.65
CA ASP B 161 -1.03 -17.30 5.64
C ASP B 161 -1.38 -15.93 5.04
N ARG B 162 -1.44 -15.84 3.72
CA ARG B 162 -1.88 -14.62 3.03
C ARG B 162 -2.20 -14.93 1.60
N TRP B 163 -3.02 -14.07 1.00
CA TRP B 163 -3.42 -14.25 -0.40
C TRP B 163 -4.02 -12.96 -0.92
N PRO B 164 -3.27 -11.82 -0.81
CA PRO B 164 -3.91 -10.52 -1.08
C PRO B 164 -4.28 -10.29 -2.55
N THR B 165 -3.65 -11.04 -3.45
CA THR B 165 -3.80 -10.81 -4.87
C THR B 165 -4.34 -12.01 -5.67
N HIS B 166 -4.90 -13.00 -4.97
CA HIS B 166 -5.38 -14.19 -5.65
C HIS B 166 -6.35 -13.77 -6.78
N HIS B 167 -6.14 -14.29 -7.99
CA HIS B 167 -6.93 -13.82 -9.16
C HIS B 167 -8.43 -13.89 -9.02
N LEU B 168 -8.92 -14.94 -8.36
CA LEU B 168 -10.37 -15.08 -8.19
C LEU B 168 -10.91 -14.21 -7.07
N LEU B 169 -10.11 -13.97 -6.03
CA LEU B 169 -10.50 -12.95 -5.05
C LEU B 169 -10.67 -11.60 -5.73
N ILE B 170 -9.72 -11.23 -6.59
CA ILE B 170 -9.77 -9.94 -7.29
C ILE B 170 -11.02 -9.84 -8.19
N GLN B 171 -11.29 -10.93 -8.94
CA GLN B 171 -12.49 -11.00 -9.80
C GLN B 171 -13.81 -10.83 -9.01
N CYS B 172 -13.89 -11.46 -7.84
CA CYS B 172 -15.07 -11.30 -6.96
C CYS B 172 -15.27 -9.86 -6.54
N PHE B 173 -14.19 -9.19 -6.08
CA PHE B 173 -14.31 -7.79 -5.71
C PHE B 173 -14.75 -6.95 -6.91
N ALA B 174 -14.11 -7.15 -8.05
CA ALA B 174 -14.40 -6.34 -9.24
C ALA B 174 -15.85 -6.55 -9.69
N ASP B 175 -16.30 -7.80 -9.65
CA ASP B 175 -17.71 -8.14 -9.97
C ASP B 175 -18.70 -7.41 -9.05
N HIS B 176 -18.43 -7.44 -7.76
CA HIS B 176 -19.32 -6.79 -6.81
C HIS B 176 -19.33 -5.25 -6.91
N ILE B 177 -18.19 -4.67 -7.26
CA ILE B 177 -18.11 -3.23 -7.51
C ILE B 177 -18.91 -2.89 -8.76
N LEU B 178 -18.71 -3.67 -9.84
CA LEU B 178 -19.40 -3.39 -11.10
C LEU B 178 -20.91 -3.47 -10.89
N LYS B 179 -21.36 -4.47 -10.16
CA LYS B 179 -22.79 -4.58 -9.96
C LYS B 179 -23.35 -3.45 -9.08
N GLU B 180 -22.56 -2.97 -8.10
CA GLU B 180 -23.03 -1.85 -7.31
C GLU B 180 -23.06 -0.52 -8.10
N LEU B 181 -22.06 -0.28 -8.95
CA LEU B 181 -22.06 0.87 -9.86
C LEU B 181 -23.31 0.94 -10.73
N ASP B 182 -23.79 -0.24 -11.16
CA ASP B 182 -25.08 -0.39 -11.89
C ASP B 182 -26.29 0.08 -11.09
N HIS B 183 -26.18 0.08 -9.77
CA HIS B 183 -27.25 0.57 -8.93
C HIS B 183 -27.25 2.08 -8.70
N PHE B 184 -26.20 2.81 -9.11
CA PHE B 184 -26.29 4.27 -9.03
C PHE B 184 -27.19 4.80 -10.16
N PRO B 185 -27.76 5.99 -9.99
CA PRO B 185 -28.42 6.61 -11.14
C PRO B 185 -27.44 6.70 -12.30
N LEU B 186 -27.89 6.31 -13.50
CA LEU B 186 -27.02 6.31 -14.69
C LEU B 186 -26.23 7.61 -14.90
N GLU B 187 -26.88 8.74 -14.64
CA GLU B 187 -26.28 10.07 -14.81
C GLU B 187 -25.16 10.39 -13.80
N LYS B 188 -25.05 9.60 -12.74
CA LYS B 188 -24.03 9.80 -11.73
C LYS B 188 -22.91 8.75 -11.78
N ARG B 189 -23.10 7.71 -12.59
CA ARG B 189 -22.14 6.60 -12.58
C ARG B 189 -20.66 6.99 -12.78
N SER B 190 -20.35 7.84 -13.75
CA SER B 190 -18.97 8.26 -14.01
CA SER B 190 -18.96 8.24 -14.00
C SER B 190 -18.42 9.18 -12.93
N GLU B 191 -19.33 9.84 -12.20
CA GLU B 191 -18.93 10.75 -11.11
C GLU B 191 -18.66 9.98 -9.81
N VAL B 192 -19.07 8.71 -9.72
CA VAL B 192 -18.89 7.96 -8.46
C VAL B 192 -17.42 7.91 -8.05
N VAL B 193 -17.18 8.11 -6.76
CA VAL B 193 -15.86 7.92 -6.19
C VAL B 193 -15.83 6.62 -5.33
N ILE B 194 -14.80 5.79 -5.54
CA ILE B 194 -14.64 4.55 -4.80
C ILE B 194 -13.76 4.76 -3.56
N LEU B 195 -14.32 4.44 -2.40
CA LEU B 195 -13.56 4.42 -1.17
C LEU B 195 -13.36 2.97 -0.75
N PHE B 196 -12.17 2.43 -0.97
CA PHE B 196 -11.80 1.11 -0.43
C PHE B 196 -11.60 1.35 1.05
N SER B 197 -12.24 0.53 1.90
CA SER B 197 -12.18 0.74 3.32
C SER B 197 -11.70 -0.55 4.00
N ALA B 198 -10.62 -0.46 4.75
CA ALA B 198 -10.05 -1.62 5.43
C ALA B 198 -9.90 -1.22 6.91
N HIS B 199 -10.00 -2.18 7.82
CA HIS B 199 -9.82 -1.81 9.25
C HIS B 199 -8.44 -1.18 9.45
N SER B 200 -8.41 -0.10 10.22
CA SER B 200 -7.18 0.65 10.50
C SER B 200 -6.29 -0.15 11.45
N LEU B 201 -5.03 0.24 11.58
CA LEU B 201 -4.16 -0.25 12.66
C LEU B 201 -3.61 0.92 13.46
N PRO B 202 -3.32 0.68 14.75
CA PRO B 202 -2.63 1.73 15.51
C PRO B 202 -1.27 1.98 14.86
N MET B 203 -0.81 3.23 14.88
CA MET B 203 0.53 3.51 14.31
C MET B 203 1.64 2.75 15.00
N SER B 204 1.46 2.38 16.28
CA SER B 204 2.48 1.57 16.97
C SER B 204 2.69 0.22 16.28
N VAL B 205 1.62 -0.32 15.70
CA VAL B 205 1.71 -1.60 14.99
C VAL B 205 2.27 -1.33 13.58
N VAL B 206 1.76 -0.32 12.89
CA VAL B 206 2.28 0.02 11.55
C VAL B 206 3.82 0.21 11.65
N ASN B 207 4.25 1.00 12.64
CA ASN B 207 5.66 1.40 12.79
C ASN B 207 6.63 0.32 13.20
N ARG B 208 6.10 -0.86 13.58
CA ARG B 208 7.01 -1.94 13.87
C ARG B 208 7.28 -2.81 12.65
N GLY B 209 6.55 -2.56 11.56
CA GLY B 209 6.77 -3.29 10.31
C GLY B 209 5.61 -4.17 9.88
N ASP B 210 4.40 -3.95 10.41
CA ASP B 210 3.29 -4.82 10.06
C ASP B 210 3.09 -4.87 8.51
N PRO B 211 3.02 -6.08 7.91
CA PRO B 211 2.86 -6.19 6.45
C PRO B 211 1.48 -5.76 5.88
N TYR B 212 0.49 -5.57 6.74
CA TYR B 212 -0.90 -5.38 6.30
C TYR B 212 -1.18 -4.18 5.37
N PRO B 213 -0.76 -2.95 5.74
CA PRO B 213 -1.09 -1.83 4.85
C PRO B 213 -0.59 -1.98 3.41
N GLN B 214 0.62 -2.51 3.24
CA GLN B 214 1.16 -2.77 1.90
C GLN B 214 0.40 -3.85 1.14
N GLU B 215 0.00 -4.93 1.81
CA GLU B 215 -0.79 -5.98 1.12
C GLU B 215 -2.20 -5.52 0.76
N VAL B 216 -2.85 -4.82 1.68
CA VAL B 216 -4.17 -4.21 1.36
C VAL B 216 -4.09 -3.31 0.14
N SER B 217 -3.02 -2.49 0.10
CA SER B 217 -2.78 -1.60 -1.05
C SER B 217 -2.66 -2.38 -2.33
N ALA B 218 -2.01 -3.55 -2.26
CA ALA B 218 -1.83 -4.43 -3.42
C ALA B 218 -3.18 -4.99 -3.94
N THR B 219 -4.06 -5.39 -3.02
CA THR B 219 -5.41 -5.87 -3.41
C THR B 219 -6.12 -4.74 -4.14
N VAL B 220 -6.09 -3.54 -3.55
CA VAL B 220 -6.73 -2.36 -4.19
C VAL B 220 -6.20 -2.15 -5.62
N GLN B 221 -4.88 -2.20 -5.80
CA GLN B 221 -4.36 -1.92 -7.14
C GLN B 221 -4.82 -2.98 -8.14
N LYS B 222 -4.87 -4.26 -7.73
CA LYS B 222 -5.26 -5.36 -8.66
C LYS B 222 -6.74 -5.23 -9.04
N VAL B 223 -7.56 -4.84 -8.07
CA VAL B 223 -9.00 -4.65 -8.34
C VAL B 223 -9.20 -3.51 -9.33
N MET B 224 -8.51 -2.38 -9.11
CA MET B 224 -8.63 -1.22 -9.99
C MET B 224 -8.07 -1.47 -11.43
N GLU B 225 -7.00 -2.23 -11.52
CA GLU B 225 -6.50 -2.68 -12.82
C GLU B 225 -7.55 -3.51 -13.56
N ARG B 226 -8.17 -4.45 -12.84
CA ARG B 226 -9.21 -5.28 -13.43
C ARG B 226 -10.39 -4.40 -13.87
N LEU B 227 -10.70 -3.34 -13.08
CA LEU B 227 -11.78 -2.41 -13.44
C LEU B 227 -11.39 -1.36 -14.51
N GLU B 228 -10.15 -1.44 -14.97
CA GLU B 228 -9.61 -0.49 -15.95
C GLU B 228 -9.73 0.98 -15.48
N TYR B 229 -9.52 1.18 -14.17
CA TYR B 229 -9.53 2.53 -13.64
C TYR B 229 -10.78 3.28 -14.08
N CYS B 230 -11.94 2.63 -14.03
CA CYS B 230 -13.18 3.25 -14.54
C CYS B 230 -13.66 4.44 -13.70
N ASN B 231 -13.37 4.39 -12.39
CA ASN B 231 -13.66 5.48 -11.46
C ASN B 231 -12.44 5.80 -10.61
N PRO B 232 -12.35 7.02 -10.06
CA PRO B 232 -11.23 7.31 -9.17
C PRO B 232 -11.44 6.71 -7.76
N TYR B 233 -10.36 6.52 -7.01
CA TYR B 233 -10.46 5.83 -5.72
C TYR B 233 -9.49 6.41 -4.70
N ARG B 234 -9.76 6.13 -3.43
CA ARG B 234 -8.77 6.19 -2.36
C ARG B 234 -8.92 4.96 -1.50
N LEU B 235 -7.81 4.54 -0.91
CA LEU B 235 -7.80 3.54 0.14
C LEU B 235 -7.77 4.27 1.50
N VAL B 236 -8.81 4.04 2.31
CA VAL B 236 -8.97 4.70 3.58
C VAL B 236 -9.23 3.63 4.67
N TRP B 237 -9.24 4.01 5.94
CA TRP B 237 -9.10 3.02 7.03
C TRP B 237 -10.16 3.25 8.11
N GLN B 238 -10.86 2.19 8.48
CA GLN B 238 -12.01 2.40 9.36
C GLN B 238 -11.78 1.93 10.78
N SER B 239 -12.66 2.43 11.66
CA SER B 239 -12.89 1.94 13.02
C SER B 239 -11.78 2.05 14.05
N LYS B 240 -10.93 3.06 13.90
CA LYS B 240 -9.95 3.31 14.93
C LYS B 240 -10.70 3.41 16.26
N VAL B 241 -10.09 2.91 17.33
CA VAL B 241 -10.66 3.11 18.65
C VAL B 241 -9.70 3.79 19.57
N GLY B 242 -10.24 4.66 20.40
CA GLY B 242 -9.47 5.33 21.41
C GLY B 242 -8.74 6.56 20.87
N PRO B 243 -7.95 7.21 21.74
CA PRO B 243 -7.34 8.50 21.44
C PRO B 243 -5.94 8.46 20.79
N MET B 244 -5.31 7.28 20.68
CA MET B 244 -3.91 7.14 20.18
C MET B 244 -3.86 7.26 18.65
N PRO B 245 -2.66 7.49 18.07
CA PRO B 245 -2.60 7.59 16.62
C PRO B 245 -2.77 6.23 15.90
N TRP B 246 -3.65 6.24 14.91
CA TRP B 246 -3.91 5.11 14.01
C TRP B 246 -3.69 5.56 12.55
N LEU B 247 -3.56 4.57 11.67
CA LEU B 247 -3.31 4.86 10.27
C LEU B 247 -4.55 5.48 9.66
N GLY B 248 -4.38 6.64 9.05
CA GLY B 248 -5.50 7.25 8.32
C GLY B 248 -5.20 7.38 6.82
N PRO B 249 -6.08 8.06 6.07
CA PRO B 249 -7.24 8.80 6.60
C PRO B 249 -8.35 7.85 7.06
N GLN B 250 -9.16 8.31 8.00
CA GLN B 250 -10.31 7.55 8.48
C GLN B 250 -11.43 7.53 7.46
N THR B 251 -12.12 6.41 7.40
CA THR B 251 -13.22 6.29 6.46
C THR B 251 -14.31 7.37 6.70
N ASP B 252 -14.68 7.57 7.97
CA ASP B 252 -15.71 8.58 8.30
C ASP B 252 -15.30 10.01 7.94
N GLU B 253 -14.09 10.43 8.32
CA GLU B 253 -13.55 11.72 7.92
CA GLU B 253 -13.55 11.72 7.93
C GLU B 253 -13.49 11.90 6.41
N SER B 254 -13.18 10.80 5.69
CA SER B 254 -13.07 10.86 4.21
C SER B 254 -14.42 11.07 3.55
N ILE B 255 -15.41 10.35 4.05
CA ILE B 255 -16.77 10.55 3.55
C ILE B 255 -17.21 12.01 3.71
N LYS B 256 -17.08 12.51 4.93
CA LYS B 256 -17.42 13.90 5.23
C LYS B 256 -16.65 14.86 4.33
N GLY B 257 -15.35 14.59 4.15
CA GLY B 257 -14.50 15.49 3.38
C GLY B 257 -14.86 15.51 1.91
N LEU B 258 -15.11 14.35 1.34
CA LEU B 258 -15.56 14.25 -0.04
C LEU B 258 -16.84 15.04 -0.23
N CYS B 259 -17.81 14.82 0.65
CA CYS B 259 -19.09 15.56 0.56
C CYS B 259 -18.90 17.05 0.58
N GLU B 260 -18.10 17.55 1.51
CA GLU B 260 -17.80 18.99 1.61
C GLU B 260 -17.11 19.56 0.37
N ARG B 261 -16.39 18.70 -0.36
CA ARG B 261 -15.70 19.08 -1.59
C ARG B 261 -16.48 18.75 -2.87
N GLY B 262 -17.77 18.46 -2.74
CA GLY B 262 -18.63 18.29 -3.90
C GLY B 262 -18.62 16.89 -4.51
N ARG B 263 -17.94 15.95 -3.85
CA ARG B 263 -18.01 14.55 -4.32
C ARG B 263 -19.06 13.80 -3.49
N LYS B 264 -20.29 13.80 -4.01
CA LYS B 264 -21.48 13.41 -3.27
C LYS B 264 -22.06 12.04 -3.67
N ASN B 265 -21.30 11.33 -4.51
CA ASN B 265 -21.69 10.00 -4.99
C ASN B 265 -20.52 9.05 -4.73
N ILE B 266 -20.69 8.20 -3.73
CA ILE B 266 -19.60 7.46 -3.12
C ILE B 266 -19.95 5.97 -3.07
N LEU B 267 -19.01 5.13 -3.50
CA LEU B 267 -19.15 3.67 -3.36
C LEU B 267 -18.14 3.16 -2.32
N LEU B 268 -18.63 2.60 -1.22
CA LEU B 268 -17.78 2.03 -0.18
C LEU B 268 -17.44 0.58 -0.56
N VAL B 269 -16.18 0.18 -0.46
CA VAL B 269 -15.80 -1.20 -0.75
C VAL B 269 -14.98 -1.76 0.42
N PRO B 270 -15.59 -2.66 1.21
CA PRO B 270 -14.86 -3.40 2.23
C PRO B 270 -13.86 -4.32 1.53
N ILE B 271 -12.59 -4.01 1.65
CA ILE B 271 -11.56 -4.66 0.81
C ILE B 271 -10.73 -5.71 1.60
N ALA B 272 -10.97 -5.83 2.91
CA ALA B 272 -10.05 -6.65 3.72
C ALA B 272 -10.73 -7.72 4.58
N PHE B 273 -11.97 -8.00 4.27
CA PHE B 273 -12.72 -9.06 4.92
CA PHE B 273 -12.76 -9.03 4.96
C PHE B 273 -13.65 -9.63 3.85
N THR B 274 -14.02 -10.89 3.96
CA THR B 274 -14.73 -11.54 2.85
C THR B 274 -16.19 -11.88 3.17
N SER B 275 -16.64 -11.47 4.34
CA SER B 275 -18.05 -11.62 4.68
CA SER B 275 -18.02 -11.67 4.77
C SER B 275 -18.54 -10.41 5.44
N ASP B 276 -19.85 -10.24 5.50
CA ASP B 276 -20.42 -9.18 6.31
C ASP B 276 -20.10 -9.44 7.74
N HIS B 277 -20.05 -8.37 8.51
CA HIS B 277 -19.76 -8.44 9.94
C HIS B 277 -20.11 -7.07 10.48
N ILE B 278 -19.81 -6.84 11.75
CA ILE B 278 -20.31 -5.62 12.42
C ILE B 278 -19.80 -4.34 11.72
N GLU B 279 -18.62 -4.39 11.13
CA GLU B 279 -18.15 -3.15 10.57
C GLU B 279 -18.70 -2.80 9.17
N THR B 280 -19.26 -3.77 8.45
CA THR B 280 -20.00 -3.42 7.25
C THR B 280 -21.45 -3.12 7.62
N LEU B 281 -22.07 -4.02 8.39
CA LEU B 281 -23.51 -3.93 8.70
C LEU B 281 -23.87 -2.82 9.64
N TYR B 282 -22.98 -2.49 10.59
CA TYR B 282 -23.27 -1.41 11.51
C TYR B 282 -22.51 -0.18 11.07
N GLU B 283 -21.19 -0.26 11.11
CA GLU B 283 -20.41 0.95 10.89
C GLU B 283 -20.60 1.57 9.50
N LEU B 284 -20.35 0.82 8.42
CA LEU B 284 -20.52 1.39 7.09
C LEU B 284 -22.00 1.64 6.75
N ASP B 285 -22.86 0.63 6.98
CA ASP B 285 -24.26 0.72 6.51
C ASP B 285 -25.13 1.66 7.37
N ILE B 286 -24.86 1.75 8.66
CA ILE B 286 -25.70 2.54 9.54
C ILE B 286 -25.02 3.85 9.92
N GLU B 287 -23.90 3.75 10.61
CA GLU B 287 -23.20 4.91 11.14
C GLU B 287 -22.74 5.87 10.00
N TYR B 288 -22.10 5.34 8.94
CA TYR B 288 -21.57 6.21 7.88
C TYR B 288 -22.58 6.52 6.79
N SER B 289 -23.31 5.52 6.34
CA SER B 289 -24.19 5.66 5.19
C SER B 289 -25.56 6.26 5.50
N GLN B 290 -26.12 5.91 6.65
CA GLN B 290 -27.43 6.43 7.04
C GLN B 290 -27.36 7.71 7.84
N VAL B 291 -26.42 7.79 8.79
CA VAL B 291 -26.36 8.93 9.70
C VAL B 291 -25.41 10.03 9.17
N LEU B 292 -24.11 9.74 9.14
CA LEU B 292 -23.12 10.74 8.70
C LEU B 292 -23.40 11.24 7.30
N ALA B 293 -23.56 10.32 6.36
CA ALA B 293 -23.72 10.70 4.94
C ALA B 293 -24.89 11.69 4.76
N LYS B 294 -25.95 11.46 5.51
CA LYS B 294 -27.16 12.29 5.46
C LYS B 294 -26.91 13.69 6.05
N GLU B 295 -26.26 13.74 7.21
CA GLU B 295 -25.79 14.99 7.82
CA GLU B 295 -25.80 14.99 7.80
C GLU B 295 -24.93 15.81 6.85
N CYS B 296 -24.10 15.12 6.06
CA CYS B 296 -23.17 15.79 5.12
C CYS B 296 -23.73 16.15 3.75
N GLY B 297 -24.98 15.79 3.49
CA GLY B 297 -25.60 16.08 2.22
C GLY B 297 -25.24 15.16 1.06
N VAL B 298 -24.92 13.89 1.31
CA VAL B 298 -24.61 12.97 0.22
CA VAL B 298 -24.62 12.98 0.21
C VAL B 298 -25.81 12.90 -0.73
N GLU B 299 -25.55 12.64 -2.01
CA GLU B 299 -26.60 12.36 -2.99
C GLU B 299 -26.84 10.85 -3.05
N ASN B 300 -25.76 10.08 -3.21
CA ASN B 300 -25.86 8.61 -3.26
C ASN B 300 -24.63 7.99 -2.62
N ILE B 301 -24.86 7.17 -1.59
CA ILE B 301 -23.77 6.38 -1.03
C ILE B 301 -24.22 4.92 -1.04
N ARG B 302 -23.37 4.04 -1.56
CA ARG B 302 -23.74 2.61 -1.63
C ARG B 302 -22.53 1.81 -1.13
N ARG B 303 -22.75 0.56 -0.77
CA ARG B 303 -21.64 -0.31 -0.35
C ARG B 303 -21.66 -1.56 -1.18
N ALA B 304 -20.50 -1.94 -1.74
CA ALA B 304 -20.40 -3.16 -2.53
C ALA B 304 -20.74 -4.34 -1.61
N GLU B 305 -21.43 -5.34 -2.16
CA GLU B 305 -21.84 -6.53 -1.40
C GLU B 305 -20.59 -7.26 -0.92
N SER B 306 -20.60 -7.73 0.33
CA SER B 306 -19.52 -8.58 0.83
C SER B 306 -19.50 -9.89 0.04
N LEU B 307 -18.38 -10.61 0.05
CA LEU B 307 -18.26 -11.76 -0.85
C LEU B 307 -19.24 -12.86 -0.46
N ASN B 308 -19.39 -13.09 0.85
CA ASN B 308 -20.46 -13.92 1.41
C ASN B 308 -20.63 -15.23 0.65
N GLY B 309 -21.78 -15.39 0.00
CA GLY B 309 -22.15 -16.66 -0.67
C GLY B 309 -21.79 -16.78 -2.15
N ASN B 310 -21.06 -15.81 -2.71
CA ASN B 310 -20.69 -15.84 -4.12
C ASN B 310 -19.97 -17.17 -4.44
N PRO B 311 -20.52 -17.99 -5.36
CA PRO B 311 -19.84 -19.28 -5.67
C PRO B 311 -18.44 -19.15 -6.24
N LEU B 312 -18.18 -18.07 -6.97
CA LEU B 312 -16.84 -17.75 -7.40
C LEU B 312 -15.89 -17.58 -6.20
N PHE B 313 -16.40 -17.14 -5.05
CA PHE B 313 -15.53 -17.01 -3.86
C PHE B 313 -15.13 -18.38 -3.27
N SER B 314 -16.08 -19.29 -3.09
CA SER B 314 -15.69 -20.63 -2.63
C SER B 314 -14.80 -21.37 -3.64
N LYS B 315 -14.95 -21.07 -4.92
CA LYS B 315 -14.01 -21.48 -5.95
C LYS B 315 -12.57 -20.92 -5.73
N ALA B 316 -12.46 -19.64 -5.33
CA ALA B 316 -11.15 -19.04 -4.96
C ALA B 316 -10.56 -19.80 -3.79
N LEU B 317 -11.37 -20.08 -2.78
CA LEU B 317 -10.88 -20.80 -1.61
C LEU B 317 -10.32 -22.17 -2.00
N ALA B 318 -11.07 -22.92 -2.81
CA ALA B 318 -10.66 -24.28 -3.17
C ALA B 318 -9.43 -24.22 -4.06
N ASP B 319 -9.36 -23.20 -4.91
CA ASP B 319 -8.22 -23.01 -5.81
C ASP B 319 -6.94 -22.78 -5.00
N LEU B 320 -7.03 -21.88 -4.01
CA LEU B 320 -5.93 -21.63 -3.08
C LEU B 320 -5.44 -22.90 -2.37
N VAL B 321 -6.36 -23.64 -1.78
CA VAL B 321 -6.00 -24.90 -1.06
C VAL B 321 -5.38 -25.90 -2.03
N HIS B 322 -6.00 -26.07 -3.18
CA HIS B 322 -5.50 -27.00 -4.18
C HIS B 322 -4.08 -26.62 -4.64
N SER B 323 -3.87 -25.35 -4.98
CA SER B 323 -2.51 -24.89 -5.37
C SER B 323 -1.48 -25.08 -4.27
N HIS B 324 -1.87 -24.83 -3.03
CA HIS B 324 -1.03 -25.01 -1.81
C HIS B 324 -0.58 -26.47 -1.67
N ILE B 325 -1.54 -27.39 -1.81
CA ILE B 325 -1.27 -28.83 -1.78
C ILE B 325 -0.32 -29.22 -2.93
N GLN B 326 -0.64 -28.79 -4.15
CA GLN B 326 0.21 -29.07 -5.31
C GLN B 326 1.63 -28.52 -5.21
N SER B 327 1.80 -27.37 -4.58
CA SER B 327 3.11 -26.75 -4.44
C SER B 327 3.99 -27.33 -3.32
N ASN B 328 3.40 -28.08 -2.38
CA ASN B 328 4.13 -28.55 -1.19
C ASN B 328 4.68 -27.49 -0.24
N GLU B 329 4.28 -26.23 -0.43
CA GLU B 329 4.73 -25.17 0.46
C GLU B 329 4.18 -25.37 1.85
N LEU B 330 4.98 -24.99 2.83
CA LEU B 330 4.55 -25.01 4.22
C LEU B 330 3.98 -23.66 4.68
N CYS B 331 4.36 -22.60 3.98
CA CYS B 331 3.94 -21.20 4.31
C CYS B 331 4.49 -20.29 3.20
N SER B 332 4.06 -19.02 3.19
CA SER B 332 4.54 -18.07 2.17
C SER B 332 6.00 -17.77 2.49
N LYS B 333 6.75 -17.26 1.49
CA LYS B 333 8.09 -16.71 1.79
C LYS B 333 8.03 -15.58 2.85
N GLN B 334 6.98 -14.76 2.75
CA GLN B 334 6.77 -13.63 3.70
C GLN B 334 6.71 -14.02 5.13
N LEU B 335 6.11 -15.18 5.44
CA LEU B 335 6.04 -15.61 6.84
C LEU B 335 7.45 -15.82 7.44
N THR B 336 8.44 -16.09 6.58
CA THR B 336 9.81 -16.37 7.09
C THR B 336 10.56 -15.12 7.56
N LEU B 337 9.95 -13.95 7.37
CA LEU B 337 10.50 -12.69 7.85
C LEU B 337 9.52 -12.05 8.83
N SER B 338 9.97 -11.95 10.06
CA SER B 338 9.20 -11.33 11.10
C SER B 338 9.38 -9.81 11.00
N CYS B 339 8.48 -9.05 11.61
CA CYS B 339 8.55 -7.60 11.55
C CYS B 339 9.94 -7.16 12.01
N PRO B 340 10.55 -6.17 11.33
CA PRO B 340 11.88 -5.65 11.76
C PRO B 340 11.93 -5.26 13.22
N LEU B 341 10.81 -4.78 13.77
CA LEU B 341 10.74 -4.38 15.18
C LEU B 341 9.80 -5.23 16.04
N CYS B 342 9.60 -6.47 15.61
CA CYS B 342 8.84 -7.43 16.39
C CYS B 342 9.48 -7.54 17.78
N VAL B 343 8.64 -7.43 18.80
CA VAL B 343 9.07 -7.64 20.19
C VAL B 343 8.30 -8.81 20.84
N ASN B 344 7.63 -9.62 20.03
CA ASN B 344 6.89 -10.77 20.55
C ASN B 344 7.68 -12.08 20.31
N PRO B 345 8.19 -12.74 21.39
CA PRO B 345 9.04 -13.93 21.21
C PRO B 345 8.34 -15.08 20.51
N VAL B 346 7.02 -15.14 20.61
CA VAL B 346 6.26 -16.23 20.02
C VAL B 346 6.25 -16.23 18.46
N CYS B 347 6.40 -15.06 17.82
CA CYS B 347 6.27 -14.99 16.33
C CYS B 347 7.33 -15.85 15.69
N ARG B 348 8.56 -15.77 16.19
CA ARG B 348 9.61 -16.64 15.66
C ARG B 348 9.36 -18.16 15.87
N GLU B 349 8.82 -18.52 17.03
CA GLU B 349 8.49 -19.94 17.31
C GLU B 349 7.41 -20.46 16.36
N THR B 350 6.41 -19.61 16.11
CA THR B 350 5.31 -19.92 15.20
C THR B 350 5.84 -20.08 13.78
N LYS B 351 6.68 -19.15 13.34
CA LYS B 351 7.26 -19.22 12.01
C LYS B 351 7.98 -20.58 11.84
N SER B 352 8.81 -20.90 12.80
CA SER B 352 9.59 -22.16 12.85
C SER B 352 8.71 -23.39 12.92
N PHE B 353 7.60 -23.30 13.65
CA PHE B 353 6.62 -24.36 13.71
C PHE B 353 6.18 -24.76 12.31
N PHE B 354 5.90 -23.77 11.45
CA PHE B 354 5.48 -24.06 10.11
C PHE B 354 6.61 -24.44 9.16
N THR B 355 7.73 -23.71 9.17
CA THR B 355 8.81 -24.01 8.22
C THR B 355 9.47 -25.38 8.46
N SER B 356 9.37 -25.87 9.69
CA SER B 356 10.07 -27.09 10.08
C SER B 356 9.25 -28.34 9.96
N GLN B 357 8.01 -28.22 9.48
CA GLN B 357 7.10 -29.38 9.37
C GLN B 357 7.63 -30.49 8.47
N GLN B 358 7.46 -31.73 8.94
CA GLN B 358 7.80 -32.88 8.11
C GLN B 358 6.97 -32.79 6.82
N LEU B 359 7.68 -32.83 5.69
CA LEU B 359 7.16 -32.73 4.30
C LEU B 359 7.36 -31.40 3.55
#